data_6JUC
#
_entry.id   6JUC
#
_cell.length_a   54.118
_cell.length_b   118.027
_cell.length_c   79.071
_cell.angle_alpha   90.00
_cell.angle_beta   91.21
_cell.angle_gamma   90.00
#
_symmetry.space_group_name_H-M   'P 1 21 1'
#
loop_
_entity.id
_entity.type
_entity.pdbx_description
1 polymer Tyrosinase
2 non-polymer 'COPPER (II) ION'
3 non-polymer 'PEROXIDE ION'
4 water water
#
_entity_poly.entity_id   1
_entity_poly.type   'polypeptide(L)'
_entity_poly.pdbx_seq_one_letter_code
;GPGGSPYLITGIPKDPKHPLPIRKDIDDWYLEQTSAGSNRIQLTLFVEALTVIQNRPLNDQLSYFRLAGIHGAPWTEWDG
VPGGQKDSKGNPTGFAVHNNYTFPTWFRVYVTLYEQVIYEAMLDFIKQNVPQNGKADWENEAKQWRLPYWDFARFARHGH
DNTQGDELRLPILVTMPMVKVLVPGQPGKQLSKPNPLYRFQMQTLMGTLERPYAITSQKTEEHGWSFDLPFDKCQSTTKY
GLLENYNADVWADGGQNWLRANLALNEHPWYQNLDGWDSVPTLQDMTFRLLTTGGLNWGEFSSTRYDDKKEETQPKNNEQ
APKNWMNLEAIHNNVHNWVGGFMFSRPGRHDLKLWGAGHMSSVPVAAYDPIFWLHHCNIDRLTAIWQTVNSGSWFNDDKS
KVSKDDDLRPFHRFCEKTRKVVFFRSDDVKDWRSLNYDYAITKDASRIRKEISDLYGQRTKEVYKDFGEEDYILSIRYSR
YALGGKPFQINIFFGDVDGKDFYDARSQNFVGSVFNFSGSLEDSNCDKCAQQEQEGVLSVSQLPARLAVHYYKKQNKGEV
PTPRYVVVNSQGKAEAEVKVEVALHKTEGTFYDAPARGGSDDYRRVADGKRAEVDDAYRA
;
_entity_poly.pdbx_strand_id   A,B
#
loop_
_chem_comp.id
_chem_comp.type
_chem_comp.name
_chem_comp.formula
CU non-polymer 'COPPER (II) ION' 'Cu 2'
PER non-polymer 'PEROXIDE ION' 'O2 -2'
#
# COMPACT_ATOMS: atom_id res chain seq x y z
N SER A 5 24.12 18.79 -28.02
CA SER A 5 25.22 18.03 -27.44
C SER A 5 26.49 18.20 -28.24
N PRO A 6 27.55 17.49 -27.86
CA PRO A 6 27.51 16.51 -26.78
C PRO A 6 27.25 17.18 -25.44
N TYR A 7 26.64 16.45 -24.51
CA TYR A 7 26.47 16.91 -23.14
C TYR A 7 27.68 16.49 -22.33
N LEU A 8 28.51 17.45 -21.92
CA LEU A 8 29.74 17.04 -21.24
C LEU A 8 29.48 16.76 -19.77
N ILE A 9 29.73 15.52 -19.35
CA ILE A 9 29.53 15.20 -17.93
C ILE A 9 30.80 15.48 -17.14
N THR A 10 30.59 16.25 -16.09
CA THR A 10 31.73 16.80 -15.35
C THR A 10 31.56 16.58 -13.86
N GLY A 11 30.32 16.30 -13.45
CA GLY A 11 30.00 16.50 -12.05
C GLY A 11 29.67 17.97 -11.80
N ILE A 12 29.17 18.25 -10.60
CA ILE A 12 28.89 19.65 -10.29
C ILE A 12 30.18 20.45 -10.29
N PRO A 13 30.18 21.62 -10.93
CA PRO A 13 31.40 22.42 -10.99
C PRO A 13 31.91 22.81 -9.62
N LYS A 14 33.24 22.89 -9.52
CA LYS A 14 33.87 23.27 -8.26
C LYS A 14 33.66 24.74 -7.95
N ASP A 15 33.32 24.98 -6.70
CA ASP A 15 33.20 26.34 -6.19
C ASP A 15 33.96 26.33 -4.87
N PRO A 16 34.85 27.28 -4.65
CA PRO A 16 35.77 27.18 -3.52
C PRO A 16 35.06 27.33 -2.19
N LYS A 17 33.82 27.81 -2.19
CA LYS A 17 33.07 27.89 -0.94
C LYS A 17 32.44 26.55 -0.60
N HIS A 18 32.59 25.59 -1.50
CA HIS A 18 31.99 24.26 -1.35
C HIS A 18 33.00 23.15 -1.62
N PRO A 19 33.99 22.98 -0.75
CA PRO A 19 35.02 21.96 -0.94
C PRO A 19 34.48 20.53 -0.84
N LEU A 20 34.68 19.76 -1.91
CA LEU A 20 34.25 18.38 -2.05
C LEU A 20 33.01 18.05 -1.22
N PRO A 21 31.87 18.59 -1.60
CA PRO A 21 30.64 18.33 -0.84
C PRO A 21 30.30 16.85 -0.86
N ILE A 22 29.70 16.41 0.26
CA ILE A 22 29.35 15.00 0.37
C ILE A 22 27.92 14.74 -0.06
N ARG A 23 27.77 13.56 -0.64
CA ARG A 23 26.50 12.89 -0.84
C ARG A 23 26.09 12.27 0.51
N LYS A 24 25.02 12.82 1.07
CA LYS A 24 24.58 12.45 2.40
C LYS A 24 23.60 11.29 2.39
N ASP A 25 23.53 10.58 3.52
CA ASP A 25 22.47 9.57 3.66
C ASP A 25 21.13 10.28 3.55
N ILE A 26 20.26 9.82 2.65
CA ILE A 26 19.05 10.58 2.40
C ILE A 26 18.12 10.69 3.59
N ASP A 27 18.11 9.72 4.51
CA ASP A 27 17.31 9.91 5.73
C ASP A 27 17.96 10.95 6.63
N ASP A 28 19.29 10.91 6.82
CA ASP A 28 19.92 11.98 7.61
C ASP A 28 19.64 13.36 7.02
N TRP A 29 19.81 13.46 5.70
CA TRP A 29 19.58 14.72 5.00
C TRP A 29 18.14 15.17 5.14
N TYR A 30 17.17 14.27 4.92
CA TYR A 30 15.77 14.66 5.04
C TYR A 30 15.46 15.17 6.43
N LEU A 31 15.96 14.46 7.45
CA LEU A 31 15.77 14.92 8.83
C LEU A 31 16.45 16.27 9.08
N GLU A 32 17.62 16.55 8.51
CA GLU A 32 18.30 17.84 8.67
C GLU A 32 17.46 18.95 8.02
N GLN A 33 16.90 18.61 6.87
CA GLN A 33 16.13 19.57 6.09
C GLN A 33 14.84 19.94 6.79
N THR A 34 14.30 19.04 7.62
CA THR A 34 12.91 19.25 8.04
C THR A 34 12.80 19.41 9.55
N SER A 35 13.94 19.29 10.23
CA SER A 35 13.96 19.12 11.68
C SER A 35 14.75 20.24 12.32
N ALA A 36 15.94 20.48 11.73
CA ALA A 36 16.76 21.57 12.28
C ALA A 36 15.95 22.85 12.40
N GLY A 37 15.09 23.12 11.41
CA GLY A 37 14.32 24.34 11.35
C GLY A 37 13.44 24.40 10.11
N SER A 38 12.93 25.60 9.78
CA SER A 38 12.00 25.67 8.67
C SER A 38 12.67 26.00 7.34
N ASN A 39 13.96 26.36 7.31
CA ASN A 39 14.59 26.78 6.07
C ASN A 39 15.10 25.65 5.17
N ARG A 40 14.22 24.79 4.68
CA ARG A 40 14.41 23.57 3.91
C ARG A 40 14.78 23.82 2.46
N ILE A 41 15.83 24.62 2.24
CA ILE A 41 16.14 25.06 0.89
C ILE A 41 16.65 23.96 -0.03
N GLN A 42 17.56 23.09 0.41
CA GLN A 42 18.01 22.01 -0.48
C GLN A 42 16.88 21.04 -0.81
N LEU A 43 16.05 20.73 0.21
CA LEU A 43 14.89 19.88 -0.05
C LEU A 43 14.00 20.50 -1.11
N THR A 44 13.74 21.79 -0.98
CA THR A 44 12.94 22.47 -2.01
C THR A 44 13.62 22.42 -3.37
N LEU A 45 14.90 22.76 -3.43
CA LEU A 45 15.62 22.69 -4.69
C LEU A 45 15.55 21.31 -5.34
N PHE A 46 15.77 20.27 -4.54
CA PHE A 46 15.80 18.91 -5.13
C PHE A 46 14.39 18.58 -5.63
N VAL A 47 13.39 18.81 -4.79
CA VAL A 47 12.01 18.52 -5.22
C VAL A 47 11.59 19.34 -6.44
N GLU A 48 11.88 20.64 -6.43
CA GLU A 48 11.48 21.49 -7.54
C GLU A 48 12.26 21.15 -8.80
N ALA A 49 13.56 20.90 -8.68
CA ALA A 49 14.36 20.61 -9.87
C ALA A 49 13.96 19.28 -10.48
N LEU A 50 13.79 18.28 -9.62
CA LEU A 50 13.41 16.96 -10.13
C LEU A 50 12.01 16.99 -10.74
N THR A 51 11.12 17.81 -10.20
CA THR A 51 9.80 17.96 -10.82
C THR A 51 9.90 18.54 -12.21
N VAL A 52 10.68 19.61 -12.37
CA VAL A 52 10.94 20.22 -13.67
C VAL A 52 11.51 19.20 -14.64
N ILE A 53 12.52 18.45 -14.18
CA ILE A 53 13.15 17.47 -15.07
C ILE A 53 12.14 16.41 -15.48
N GLN A 54 11.30 16.00 -14.53
CA GLN A 54 10.32 14.95 -14.85
C GLN A 54 9.27 15.44 -15.84
N ASN A 55 9.04 16.74 -15.92
CA ASN A 55 7.99 17.30 -16.76
C ASN A 55 8.54 17.77 -18.09
N ARG A 56 9.85 17.61 -18.32
CA ARG A 56 10.41 17.95 -19.63
C ARG A 56 9.90 17.02 -20.71
N PRO A 57 9.83 17.47 -21.95
CA PRO A 57 9.30 16.62 -23.02
C PRO A 57 10.29 15.53 -23.43
N LEU A 58 9.73 14.55 -24.13
CA LEU A 58 10.51 13.36 -24.50
C LEU A 58 11.65 13.71 -25.44
N ASN A 59 11.46 14.76 -26.25
CA ASN A 59 12.53 15.12 -27.18
C ASN A 59 13.62 15.95 -26.48
N ASP A 60 13.43 16.18 -25.18
CA ASP A 60 14.51 16.79 -24.40
C ASP A 60 15.34 15.68 -23.75
N GLN A 61 16.58 15.51 -24.20
CA GLN A 61 17.40 14.39 -23.74
C GLN A 61 17.78 14.51 -22.27
N LEU A 62 17.55 15.68 -21.66
CA LEU A 62 17.73 15.85 -20.23
C LEU A 62 16.40 15.82 -19.47
N SER A 63 15.36 15.30 -20.07
CA SER A 63 14.14 14.97 -19.34
C SER A 63 14.37 13.74 -18.45
N TYR A 64 13.60 13.61 -17.39
CA TYR A 64 13.72 12.42 -16.54
C TYR A 64 13.54 11.17 -17.37
N PHE A 65 12.53 11.15 -18.23
CA PHE A 65 12.29 9.95 -19.03
C PHE A 65 13.53 9.56 -19.82
N ARG A 66 14.14 10.55 -20.47
CA ARG A 66 15.26 10.20 -21.35
C ARG A 66 16.48 9.79 -20.54
N LEU A 67 16.71 10.40 -19.38
CA LEU A 67 17.82 9.96 -18.55
C LEU A 67 17.61 8.52 -18.09
N ALA A 68 16.40 8.21 -17.62
CA ALA A 68 16.09 6.83 -17.22
C ALA A 68 16.21 5.92 -18.44
N GLY A 69 15.86 6.44 -19.62
CA GLY A 69 15.88 5.67 -20.84
C GLY A 69 17.27 5.26 -21.28
N ILE A 70 18.29 5.93 -20.74
CA ILE A 70 19.66 5.49 -21.06
C ILE A 70 19.88 4.06 -20.61
N HIS A 71 19.33 3.70 -19.46
CA HIS A 71 19.65 2.41 -18.85
C HIS A 71 19.07 1.24 -19.63
N GLY A 72 17.83 1.37 -20.09
CA GLY A 72 17.12 0.24 -20.68
C GLY A 72 16.09 0.67 -21.70
N ALA A 73 14.85 0.22 -21.55
CA ALA A 73 13.81 0.56 -22.53
C ALA A 73 13.55 2.05 -22.44
N PRO A 74 13.09 2.72 -23.49
CA PRO A 74 12.81 2.14 -24.79
C PRO A 74 13.98 2.04 -25.76
N TRP A 75 15.20 2.01 -25.25
CA TRP A 75 16.36 1.66 -26.06
C TRP A 75 16.60 2.64 -27.20
N THR A 76 16.49 3.93 -26.95
CA THR A 76 16.75 4.88 -28.03
C THR A 76 18.17 5.44 -27.93
N GLU A 77 18.51 6.30 -28.90
CA GLU A 77 19.75 7.05 -28.81
C GLU A 77 19.73 7.96 -27.58
N TRP A 78 20.91 8.41 -27.21
CA TRP A 78 21.07 9.46 -26.23
C TRP A 78 22.36 10.22 -26.53
N ASP A 79 22.30 11.55 -26.49
CA ASP A 79 23.43 12.42 -26.76
C ASP A 79 24.16 12.09 -28.07
N GLY A 80 23.37 11.74 -29.08
CA GLY A 80 23.88 11.50 -30.42
C GLY A 80 24.61 10.17 -30.52
N VAL A 81 24.53 9.36 -29.48
CA VAL A 81 25.03 7.99 -29.52
C VAL A 81 23.90 7.02 -29.86
N PRO A 82 23.97 6.30 -30.96
CA PRO A 82 22.93 5.32 -31.30
C PRO A 82 22.58 4.33 -30.21
N GLY A 83 21.28 4.10 -30.04
CA GLY A 83 20.78 3.17 -29.04
C GLY A 83 20.38 1.85 -29.65
N THR A 93 19.23 -4.09 -26.39
CA THR A 93 19.81 -3.97 -25.05
C THR A 93 20.04 -2.52 -24.69
N GLY A 94 20.14 -2.18 -23.40
CA GLY A 94 20.45 -0.80 -23.07
C GLY A 94 21.93 -0.48 -23.05
N PHE A 95 22.27 0.78 -22.77
CA PHE A 95 23.67 1.20 -22.63
C PHE A 95 24.26 0.68 -21.32
N ALA A 96 23.40 0.36 -20.37
CA ALA A 96 23.86 -0.04 -19.05
C ALA A 96 24.75 -1.27 -19.12
N VAL A 97 25.74 -1.31 -18.23
CA VAL A 97 26.59 -2.47 -18.05
C VAL A 97 26.09 -3.33 -16.90
N HIS A 98 25.71 -4.55 -17.23
CA HIS A 98 25.42 -5.57 -16.22
C HIS A 98 26.27 -6.81 -16.45
N ASN A 99 26.61 -7.48 -15.34
CA ASN A 99 27.38 -8.71 -15.42
C ASN A 99 28.72 -8.47 -16.13
N ASN A 100 29.35 -7.34 -15.88
CA ASN A 100 30.73 -7.13 -16.32
C ASN A 100 31.43 -6.21 -15.35
N TYR A 101 32.76 -6.16 -15.42
CA TYR A 101 33.56 -5.54 -14.36
C TYR A 101 33.53 -4.03 -14.40
N THR A 102 32.93 -3.47 -15.44
CA THR A 102 32.69 -2.04 -15.52
C THR A 102 31.33 -1.65 -14.96
N PHE A 103 30.63 -2.60 -14.35
CA PHE A 103 29.36 -2.26 -13.69
C PHE A 103 29.53 -1.09 -12.74
N PRO A 104 30.48 -1.11 -11.80
CA PRO A 104 30.53 0.03 -10.86
C PRO A 104 30.88 1.35 -11.54
N THR A 105 31.74 1.32 -12.57
CA THR A 105 32.20 2.57 -13.15
C THR A 105 31.21 3.13 -14.15
N TRP A 106 30.54 2.26 -14.90
CA TRP A 106 29.49 2.74 -15.80
C TRP A 106 28.46 3.47 -14.95
N PHE A 107 28.06 2.86 -13.83
CA PHE A 107 27.04 3.48 -13.00
C PHE A 107 27.57 4.72 -12.27
N ARG A 108 28.87 4.74 -12.00
CA ARG A 108 29.41 5.92 -11.33
C ARG A 108 29.17 7.15 -12.21
N VAL A 109 29.39 6.96 -13.51
CA VAL A 109 29.17 8.08 -14.43
C VAL A 109 27.69 8.40 -14.56
N TYR A 110 26.85 7.38 -14.65
CA TYR A 110 25.41 7.55 -14.79
C TYR A 110 24.80 8.32 -13.62
N VAL A 111 25.18 7.93 -12.42
CA VAL A 111 24.69 8.66 -11.24
C VAL A 111 25.19 10.10 -11.27
N THR A 112 26.43 10.34 -11.72
CA THR A 112 26.93 11.71 -11.81
C THR A 112 26.16 12.53 -12.83
N LEU A 113 25.80 11.93 -13.96
CA LEU A 113 24.97 12.61 -14.94
C LEU A 113 23.67 13.09 -14.31
N TYR A 114 23.03 12.20 -13.55
CA TYR A 114 21.73 12.55 -12.95
C TYR A 114 21.90 13.69 -11.96
N GLU A 115 22.92 13.57 -11.13
CA GLU A 115 23.21 14.63 -10.16
C GLU A 115 23.45 15.97 -10.85
N GLN A 116 24.21 15.95 -11.94
CA GLN A 116 24.61 17.19 -12.60
C GLN A 116 23.41 17.85 -13.26
N VAL A 117 22.57 17.05 -13.89
CA VAL A 117 21.37 17.55 -14.54
C VAL A 117 20.43 18.17 -13.51
N ILE A 118 20.28 17.51 -12.38
CA ILE A 118 19.48 18.07 -11.29
C ILE A 118 20.06 19.39 -10.79
N TYR A 119 21.38 19.46 -10.55
CA TYR A 119 22.02 20.71 -10.14
C TYR A 119 21.77 21.82 -11.13
N GLU A 120 21.91 21.50 -12.43
CA GLU A 120 21.67 22.52 -13.45
C GLU A 120 20.23 23.02 -13.42
N ALA A 121 19.29 22.12 -13.16
CA ALA A 121 17.89 22.48 -13.04
C ALA A 121 17.63 23.31 -11.79
N MET A 122 18.42 23.04 -10.76
CA MET A 122 18.30 23.86 -9.55
C MET A 122 18.64 25.31 -9.87
N LEU A 123 19.72 25.48 -10.64
CA LEU A 123 20.14 26.83 -11.02
C LEU A 123 19.05 27.52 -11.84
N ASP A 124 18.41 26.76 -12.73
CA ASP A 124 17.30 27.30 -13.50
C ASP A 124 16.13 27.67 -12.59
N PHE A 125 15.88 26.82 -11.58
CA PHE A 125 14.79 27.14 -10.66
C PHE A 125 15.07 28.45 -9.94
N ILE A 126 16.32 28.62 -9.52
CA ILE A 126 16.66 29.85 -8.81
C ILE A 126 16.52 31.07 -9.71
N LYS A 127 16.99 30.97 -10.96
CA LYS A 127 16.82 32.05 -11.92
C LYS A 127 15.36 32.41 -12.12
N GLN A 128 14.50 31.41 -12.12
CA GLN A 128 13.08 31.63 -12.40
C GLN A 128 12.31 32.14 -11.19
N ASN A 129 12.60 31.62 -9.99
CA ASN A 129 11.70 31.83 -8.87
C ASN A 129 12.27 32.61 -7.70
N VAL A 130 13.58 32.78 -7.58
CA VAL A 130 14.15 33.37 -6.37
C VAL A 130 14.43 34.84 -6.62
N PRO A 131 13.96 35.73 -5.76
CA PRO A 131 14.21 37.16 -5.95
C PRO A 131 15.71 37.46 -5.91
N GLN A 132 16.11 38.53 -6.59
CA GLN A 132 17.52 38.87 -6.72
C GLN A 132 18.20 38.84 -5.36
N ASN A 133 17.51 39.37 -4.34
CA ASN A 133 18.11 39.53 -3.03
C ASN A 133 18.31 38.21 -2.30
N GLY A 134 17.73 37.12 -2.80
CA GLY A 134 17.89 35.82 -2.17
C GLY A 134 18.67 34.86 -3.04
N LYS A 135 19.11 35.30 -4.22
CA LYS A 135 19.78 34.38 -5.14
C LYS A 135 21.05 33.79 -4.56
N ALA A 136 21.84 34.58 -3.87
CA ALA A 136 23.10 34.10 -3.32
C ALA A 136 22.85 33.03 -2.27
N ASP A 137 21.80 33.19 -1.46
CA ASP A 137 21.51 32.18 -0.45
C ASP A 137 21.10 30.85 -1.10
N TRP A 138 20.22 30.93 -2.10
CA TRP A 138 19.73 29.73 -2.77
C TRP A 138 20.82 29.09 -3.61
N GLU A 139 21.63 29.89 -4.30
CA GLU A 139 22.76 29.33 -5.05
C GLU A 139 23.73 28.61 -4.12
N ASN A 140 23.94 29.17 -2.93
CA ASN A 140 24.88 28.53 -2.00
C ASN A 140 24.43 27.11 -1.67
N GLU A 141 23.12 26.95 -1.50
CA GLU A 141 22.57 25.65 -1.11
C GLU A 141 22.61 24.67 -2.27
N ALA A 142 22.33 25.22 -3.48
CA ALA A 142 22.42 24.39 -4.68
C ALA A 142 23.84 23.88 -4.84
N LYS A 143 24.81 24.75 -4.59
CA LYS A 143 26.20 24.35 -4.79
C LYS A 143 26.72 23.40 -3.72
N GLN A 144 26.09 23.37 -2.54
CA GLN A 144 26.44 22.43 -1.49
C GLN A 144 25.73 21.10 -1.65
N TRP A 145 24.59 21.09 -2.32
CA TRP A 145 23.81 19.86 -2.47
C TRP A 145 24.54 18.83 -3.31
N ARG A 146 24.43 17.58 -2.89
CA ARG A 146 24.80 16.45 -3.75
C ARG A 146 23.69 15.41 -3.68
N LEU A 147 23.70 14.51 -4.67
CA LEU A 147 22.65 13.49 -4.68
C LEU A 147 22.71 12.60 -3.46
N PRO A 148 21.70 12.59 -2.61
CA PRO A 148 21.75 11.72 -1.43
C PRO A 148 21.79 10.24 -1.80
N TYR A 149 22.38 9.41 -0.94
CA TYR A 149 22.31 7.97 -1.15
C TYR A 149 21.31 7.33 -0.19
N TRP A 150 20.78 6.20 -0.66
CA TRP A 150 19.89 5.41 0.19
C TRP A 150 20.70 4.31 0.87
N ASP A 151 20.85 4.38 2.19
CA ASP A 151 21.62 3.34 2.87
C ASP A 151 20.74 2.14 3.15
N PHE A 152 20.67 1.24 2.13
CA PHE A 152 19.79 0.09 2.26
C PHE A 152 20.24 -0.90 3.31
N ALA A 153 21.46 -0.79 3.84
CA ALA A 153 21.98 -1.77 4.80
C ALA A 153 22.09 -1.21 6.20
N ARG A 154 21.68 0.05 6.40
CA ARG A 154 21.76 0.66 7.73
C ARG A 154 20.41 0.61 8.43
N PHE A 155 20.42 0.32 9.73
CA PHE A 155 19.14 0.31 10.42
C PHE A 155 18.53 1.70 10.39
N ALA A 156 17.25 1.82 10.01
CA ALA A 156 16.65 3.13 9.85
C ALA A 156 16.50 3.83 11.20
N ARG A 157 16.65 5.15 11.18
CA ARG A 157 16.59 5.93 12.40
C ARG A 157 15.17 5.94 12.96
N ASP A 166 15.34 -0.95 14.35
CA ASP A 166 15.65 -2.38 14.37
C ASP A 166 15.51 -3.02 13.01
N GLU A 167 15.37 -2.21 11.95
CA GLU A 167 15.11 -2.79 10.64
C GLU A 167 15.58 -1.87 9.51
N LEU A 168 15.88 -2.49 8.37
CA LEU A 168 16.25 -1.76 7.16
C LEU A 168 15.00 -1.16 6.53
N ARG A 169 15.10 -0.01 5.89
CA ARG A 169 13.92 0.63 5.30
C ARG A 169 14.26 1.45 4.06
N LEU A 170 13.27 1.51 3.16
CA LEU A 170 13.29 2.52 2.11
C LEU A 170 13.38 3.89 2.75
N PRO A 171 13.95 4.85 2.04
CA PRO A 171 14.07 6.20 2.58
C PRO A 171 12.73 6.77 3.02
N ILE A 172 12.81 7.52 4.12
CA ILE A 172 11.63 8.24 4.58
C ILE A 172 10.96 8.99 3.45
N LEU A 173 11.72 9.82 2.77
CA LEU A 173 11.20 10.69 1.71
C LEU A 173 10.55 9.93 0.56
N VAL A 174 11.09 8.74 0.28
CA VAL A 174 10.54 7.94 -0.80
C VAL A 174 9.16 7.41 -0.42
N THR A 175 8.86 7.31 0.87
CA THR A 175 7.56 6.79 1.28
C THR A 175 6.50 7.87 1.43
N MET A 176 6.82 9.11 1.04
CA MET A 176 5.90 10.23 1.22
C MET A 176 5.27 10.67 -0.09
N PRO A 177 3.95 10.54 -0.26
CA PRO A 177 3.31 11.00 -1.49
C PRO A 177 3.52 12.49 -1.79
N MET A 178 3.54 13.34 -0.76
CA MET A 178 3.69 14.78 -0.93
C MET A 178 4.86 15.26 -0.08
N VAL A 179 5.37 16.43 -0.43
CA VAL A 179 6.43 17.00 0.39
C VAL A 179 6.23 18.51 0.45
N LYS A 180 6.45 19.12 1.61
CA LYS A 180 6.27 20.56 1.70
C LYS A 180 7.58 21.25 1.31
N VAL A 181 7.44 22.31 0.53
CA VAL A 181 8.58 23.07 0.03
C VAL A 181 8.37 24.55 0.33
N LEU A 182 9.48 25.26 0.34
CA LEU A 182 9.43 26.71 0.43
C LEU A 182 8.97 27.33 -0.88
N VAL A 183 8.35 28.50 -0.78
CA VAL A 183 8.12 29.34 -1.97
C VAL A 183 9.06 30.53 -1.93
N PRO A 184 10.08 30.61 -2.77
CA PRO A 184 11.06 31.69 -2.58
C PRO A 184 10.34 33.04 -2.61
N GLY A 185 10.73 33.95 -1.73
CA GLY A 185 10.16 35.29 -1.74
C GLY A 185 8.89 35.37 -0.90
N GLN A 186 8.45 34.23 -0.39
CA GLN A 186 7.26 34.20 0.46
C GLN A 186 7.54 33.43 1.75
N PRO A 187 8.35 34.00 2.64
CA PRO A 187 8.72 33.30 3.87
C PRO A 187 7.48 32.86 4.62
N GLY A 188 7.41 31.59 4.99
CA GLY A 188 6.19 31.06 5.58
C GLY A 188 5.08 30.93 4.56
N LYS A 189 5.45 30.83 3.29
CA LYS A 189 4.50 30.45 2.24
C LYS A 189 4.74 28.98 1.89
N GLN A 190 4.93 28.12 2.90
CA GLN A 190 5.26 26.73 2.57
C GLN A 190 4.13 26.09 1.77
N LEU A 191 4.45 25.09 0.96
CA LEU A 191 3.40 24.57 0.07
C LEU A 191 3.59 23.07 -0.09
N SER A 192 2.54 22.28 -0.01
CA SER A 192 2.65 20.83 -0.20
C SER A 192 2.58 20.46 -1.67
N LYS A 193 3.53 19.71 -2.21
CA LYS A 193 3.55 19.40 -3.63
C LYS A 193 3.72 17.90 -3.84
N PRO A 194 3.28 17.35 -4.96
CA PRO A 194 3.57 15.94 -5.22
C PRO A 194 5.08 15.72 -5.17
N ASN A 195 5.45 14.64 -4.49
CA ASN A 195 6.86 14.31 -4.29
C ASN A 195 7.42 13.56 -5.48
N PRO A 196 8.37 14.15 -6.19
CA PRO A 196 8.91 13.45 -7.38
C PRO A 196 9.78 12.26 -7.03
N LEU A 197 10.11 12.06 -5.75
CA LEU A 197 10.85 10.85 -5.38
C LEU A 197 9.92 9.68 -5.07
N TYR A 198 8.64 9.95 -4.92
CA TYR A 198 7.67 8.91 -4.53
C TYR A 198 7.38 7.99 -5.70
N ARG A 199 7.29 8.57 -6.89
CA ARG A 199 6.99 7.81 -8.11
C ARG A 199 7.37 8.68 -9.31
N PHE A 200 7.53 8.04 -10.47
CA PHE A 200 7.54 8.81 -11.70
C PHE A 200 6.22 8.52 -12.42
N GLN A 201 5.44 9.57 -12.66
CA GLN A 201 4.13 9.53 -13.27
C GLN A 201 4.15 10.30 -14.58
N MET A 202 3.75 9.61 -15.64
CA MET A 202 3.56 10.29 -16.92
C MET A 202 2.08 10.64 -17.09
N GLN A 203 1.76 11.38 -18.14
CA GLN A 203 0.38 11.80 -18.38
C GLN A 203 -0.47 10.73 -19.04
N THR A 204 0.17 9.72 -19.62
CA THR A 204 -0.51 8.62 -20.32
C THR A 204 0.19 7.31 -19.99
N LEU A 205 -0.41 6.19 -20.37
CA LEU A 205 0.27 4.91 -20.13
C LEU A 205 1.56 4.84 -20.94
N MET A 206 2.61 4.24 -20.38
CA MET A 206 3.90 4.33 -21.06
C MET A 206 3.94 3.50 -22.33
N GLY A 207 2.99 2.57 -22.48
CA GLY A 207 2.90 1.88 -23.76
C GLY A 207 2.37 2.72 -24.89
N THR A 208 1.85 3.91 -24.65
CA THR A 208 1.26 4.77 -25.68
C THR A 208 2.06 6.01 -25.98
N LEU A 209 3.27 6.15 -25.43
CA LEU A 209 4.04 7.35 -25.72
C LEU A 209 4.34 7.47 -27.20
N GLU A 210 4.60 8.69 -27.67
CA GLU A 210 4.96 8.92 -29.06
C GLU A 210 6.16 8.07 -29.46
N ARG A 211 6.20 7.68 -30.72
CA ARG A 211 7.37 6.97 -31.23
C ARG A 211 8.58 7.90 -31.20
N PRO A 212 9.77 7.39 -30.96
CA PRO A 212 10.05 5.99 -30.64
C PRO A 212 10.13 5.67 -29.15
N TYR A 213 9.35 6.36 -28.31
CA TYR A 213 9.59 6.31 -26.87
C TYR A 213 8.70 5.34 -26.13
N ALA A 214 7.71 4.77 -26.81
CA ALA A 214 6.78 3.92 -26.06
C ALA A 214 7.49 2.68 -25.49
N ILE A 215 7.03 2.34 -24.28
CA ILE A 215 7.39 1.09 -23.63
C ILE A 215 6.46 -0.02 -24.13
N THR A 216 6.90 -0.73 -25.15
CA THR A 216 6.02 -1.74 -25.75
C THR A 216 6.85 -2.90 -26.29
N ASP A 228 5.62 -10.29 -19.66
CA ASP A 228 5.39 -11.01 -18.41
C ASP A 228 4.73 -10.07 -17.39
N LEU A 229 5.23 -8.84 -17.37
CA LEU A 229 4.69 -7.78 -16.52
C LEU A 229 4.16 -6.62 -17.37
N PRO A 230 2.96 -6.14 -17.04
CA PRO A 230 2.27 -5.17 -17.89
C PRO A 230 2.73 -3.73 -17.71
N PHE A 231 4.04 -3.52 -17.84
CA PHE A 231 4.62 -2.18 -17.76
C PHE A 231 4.10 -1.25 -18.84
N ASP A 232 3.66 -1.79 -19.98
CA ASP A 232 3.04 -0.92 -20.99
C ASP A 232 1.73 -0.30 -20.49
N LYS A 233 1.15 -0.88 -19.44
CA LYS A 233 -0.13 -0.43 -18.95
C LYS A 233 0.01 0.39 -17.67
N CYS A 234 1.24 0.78 -17.39
CA CYS A 234 1.53 1.69 -16.30
C CYS A 234 1.72 3.12 -16.78
N GLN A 235 1.13 4.05 -16.02
CA GLN A 235 1.37 5.48 -16.19
C GLN A 235 2.44 5.94 -15.20
N SER A 236 2.45 5.24 -14.06
CA SER A 236 3.36 5.54 -12.96
C SER A 236 4.18 4.29 -12.61
N THR A 237 5.38 4.51 -12.08
CA THR A 237 6.19 3.44 -11.51
C THR A 237 5.52 2.95 -10.23
N THR A 238 5.74 1.69 -9.88
CA THR A 238 5.04 1.07 -8.75
C THR A 238 5.99 0.12 -8.03
N LYS A 239 5.74 -0.09 -6.75
CA LYS A 239 6.40 -1.09 -5.92
C LYS A 239 5.33 -2.10 -5.46
N TYR A 240 5.47 -3.33 -5.94
CA TYR A 240 4.61 -4.46 -5.64
C TYR A 240 3.17 -4.23 -6.09
N GLY A 241 2.94 -3.29 -7.01
CA GLY A 241 1.58 -2.86 -7.28
C GLY A 241 0.88 -3.65 -8.37
N LEU A 242 1.64 -4.39 -9.16
CA LEU A 242 1.07 -5.14 -10.28
C LEU A 242 0.83 -6.58 -9.83
N LEU A 243 -0.44 -6.93 -9.74
CA LEU A 243 -0.88 -8.27 -9.42
C LEU A 243 -1.93 -8.70 -10.46
N GLU A 244 -1.84 -9.97 -10.86
CA GLU A 244 -2.82 -10.57 -11.74
C GLU A 244 -4.18 -10.60 -11.05
N ASN A 245 -5.24 -10.54 -11.86
CA ASN A 245 -6.56 -10.80 -11.26
C ASN A 245 -7.16 -9.60 -10.57
N TYR A 246 -6.61 -8.44 -10.90
CA TYR A 246 -7.23 -7.14 -10.64
C TYR A 246 -7.49 -6.46 -11.98
N ASN A 247 -8.41 -5.52 -11.95
CA ASN A 247 -8.71 -4.78 -13.18
C ASN A 247 -7.44 -4.13 -13.70
N ALA A 248 -7.28 -4.18 -15.01
CA ALA A 248 -6.07 -3.65 -15.64
C ALA A 248 -5.92 -2.16 -15.38
N ASP A 249 -7.02 -1.45 -15.09
CA ASP A 249 -6.90 -0.01 -14.83
C ASP A 249 -6.16 0.24 -13.51
N VAL A 250 -6.12 -0.81 -12.67
CA VAL A 250 -5.40 -0.69 -11.40
C VAL A 250 -3.91 -0.62 -11.68
N TRP A 251 -3.44 -1.22 -12.76
CA TRP A 251 -2.02 -1.20 -13.08
C TRP A 251 -1.52 0.16 -13.54
N ALA A 252 -2.44 1.04 -13.94
CA ALA A 252 -2.01 2.36 -14.38
C ALA A 252 -1.12 3.00 -13.33
N ASP A 253 -1.53 2.87 -12.09
CA ASP A 253 -0.74 3.28 -10.93
C ASP A 253 -1.00 2.28 -9.81
N GLY A 254 -0.15 1.28 -9.67
CA GLY A 254 -0.33 0.24 -8.67
C GLY A 254 0.05 0.67 -7.27
N GLY A 255 0.50 1.91 -7.11
CA GLY A 255 0.80 2.41 -5.78
C GLY A 255 2.23 2.10 -5.37
N GLN A 256 2.58 2.60 -4.19
CA GLN A 256 3.90 2.36 -3.61
C GLN A 256 3.74 1.57 -2.32
N ASN A 257 3.85 0.24 -2.44
CA ASN A 257 3.69 -0.60 -1.26
C ASN A 257 5.03 -0.69 -0.53
N TRP A 258 5.38 0.44 0.09
CA TRP A 258 6.68 0.58 0.72
C TRP A 258 6.77 -0.33 1.95
N LEU A 259 5.65 -0.62 2.60
CA LEU A 259 5.72 -1.53 3.76
C LEU A 259 6.11 -2.93 3.32
N ARG A 260 5.58 -3.34 2.16
CA ARG A 260 5.96 -4.64 1.61
C ARG A 260 7.40 -4.64 1.14
N ALA A 261 7.87 -3.53 0.56
CA ALA A 261 9.27 -3.45 0.14
C ALA A 261 10.18 -3.51 1.37
N ASN A 262 9.78 -2.81 2.43
CA ASN A 262 10.60 -2.90 3.65
C ASN A 262 10.66 -4.33 4.16
N LEU A 263 9.53 -5.03 4.11
CA LEU A 263 9.54 -6.42 4.57
C LEU A 263 10.55 -7.24 3.79
N ALA A 264 10.52 -7.11 2.46
CA ALA A 264 11.46 -7.83 1.61
C ALA A 264 12.90 -7.43 1.95
N LEU A 265 13.14 -6.12 2.09
CA LEU A 265 14.48 -5.63 2.41
C LEU A 265 15.06 -6.28 3.66
N ASN A 266 14.18 -6.70 4.58
CA ASN A 266 14.63 -7.29 5.83
C ASN A 266 14.64 -8.81 5.79
N GLU A 267 14.69 -9.35 4.58
CA GLU A 267 14.78 -10.78 4.40
C GLU A 267 15.87 -11.40 5.28
N HIS A 268 15.51 -12.53 5.87
CA HIS A 268 16.43 -13.31 6.69
C HIS A 268 15.87 -14.73 6.77
N PRO A 269 16.61 -15.66 7.31
CA PRO A 269 16.09 -17.03 7.43
C PRO A 269 14.75 -17.10 8.15
N TRP A 270 13.89 -17.97 7.68
CA TRP A 270 12.59 -18.25 8.30
C TRP A 270 12.66 -18.56 9.78
N TYR A 271 13.62 -19.31 10.28
CA TYR A 271 13.65 -19.74 11.68
C TYR A 271 13.75 -18.56 12.64
N GLN A 272 14.28 -17.43 12.16
CA GLN A 272 14.46 -16.27 13.01
C GLN A 272 13.14 -15.63 13.37
N ASN A 273 12.05 -16.07 12.74
CA ASN A 273 10.75 -15.53 13.15
C ASN A 273 10.09 -16.41 14.19
N LEU A 274 10.72 -17.53 14.56
CA LEU A 274 10.18 -18.33 15.66
C LEU A 274 10.47 -17.67 17.01
N ASP A 275 9.53 -17.84 17.93
CA ASP A 275 9.68 -17.27 19.26
C ASP A 275 11.04 -17.62 19.85
N GLY A 276 11.77 -16.61 20.31
CA GLY A 276 13.00 -16.83 21.07
C GLY A 276 14.26 -16.64 20.25
N TRP A 277 14.08 -16.35 18.95
CA TRP A 277 15.20 -16.22 18.04
C TRP A 277 15.41 -14.78 17.58
N ASP A 278 16.62 -14.28 17.81
CA ASP A 278 16.99 -12.97 17.28
C ASP A 278 17.07 -13.02 15.77
N SER A 279 16.83 -11.90 15.11
CA SER A 279 16.97 -11.82 13.65
C SER A 279 18.10 -10.86 13.27
N VAL A 280 18.69 -11.14 12.12
CA VAL A 280 19.71 -10.32 11.48
C VAL A 280 19.36 -10.24 9.99
N PRO A 281 19.13 -9.05 9.48
CA PRO A 281 18.73 -8.96 8.06
C PRO A 281 19.89 -9.38 7.17
N THR A 282 19.65 -10.33 6.29
CA THR A 282 20.73 -10.82 5.42
C THR A 282 21.43 -9.73 4.63
N LEU A 283 20.69 -8.71 4.20
CA LEU A 283 21.26 -7.65 3.36
C LEU A 283 22.37 -6.95 4.11
N GLN A 284 22.16 -6.75 5.41
CA GLN A 284 23.17 -6.05 6.19
C GLN A 284 24.40 -6.92 6.37
N ASP A 285 24.22 -8.20 6.65
CA ASP A 285 25.33 -9.16 6.76
C ASP A 285 26.09 -9.21 5.45
N MET A 286 25.36 -9.31 4.33
CA MET A 286 26.03 -9.32 3.03
C MET A 286 26.85 -8.06 2.82
N THR A 287 26.27 -6.91 3.16
CA THR A 287 26.99 -5.66 2.94
C THR A 287 28.20 -5.58 3.84
N PHE A 288 28.05 -5.99 5.10
CA PHE A 288 29.19 -6.01 6.01
C PHE A 288 30.33 -6.85 5.47
N ARG A 289 29.97 -8.04 4.99
CA ARG A 289 30.92 -9.00 4.45
C ARG A 289 31.60 -8.43 3.19
N LEU A 290 30.82 -7.88 2.26
CA LEU A 290 31.38 -7.20 1.11
C LEU A 290 32.46 -6.17 1.46
N LEU A 291 32.19 -5.38 2.49
CA LEU A 291 33.07 -4.27 2.81
C LEU A 291 34.29 -4.71 3.59
N THR A 292 34.17 -5.79 4.37
CA THR A 292 35.25 -6.13 5.31
C THR A 292 36.07 -7.32 4.84
N THR A 293 35.60 -8.10 3.87
CA THR A 293 36.37 -9.29 3.53
C THR A 293 37.57 -8.88 2.70
N GLY A 294 38.77 -9.23 3.17
CA GLY A 294 39.94 -8.80 2.43
C GLY A 294 40.28 -9.76 1.31
N GLY A 295 41.12 -9.29 0.39
CA GLY A 295 41.76 -10.20 -0.54
C GLY A 295 41.02 -10.40 -1.85
N LEU A 296 39.92 -9.70 -2.06
CA LEU A 296 39.24 -9.81 -3.35
C LEU A 296 39.97 -9.01 -4.42
N ASN A 297 40.01 -9.54 -5.64
CA ASN A 297 40.45 -8.65 -6.73
C ASN A 297 39.24 -7.90 -7.29
N TRP A 298 39.57 -6.95 -8.16
CA TRP A 298 38.53 -6.06 -8.68
C TRP A 298 37.46 -6.87 -9.41
N GLY A 299 37.89 -7.88 -10.17
CA GLY A 299 36.95 -8.71 -10.91
C GLY A 299 36.03 -9.47 -9.98
N GLU A 300 36.51 -9.86 -8.81
CA GLU A 300 35.62 -10.55 -7.87
C GLU A 300 34.63 -9.57 -7.26
N PHE A 301 35.11 -8.40 -6.88
CA PHE A 301 34.27 -7.47 -6.14
C PHE A 301 33.20 -6.83 -7.02
N SER A 302 33.57 -6.46 -8.24
CA SER A 302 32.86 -5.50 -9.04
C SER A 302 31.57 -6.02 -9.65
N SER A 303 31.41 -7.34 -9.75
CA SER A 303 30.40 -7.82 -10.68
C SER A 303 29.97 -9.24 -10.28
N THR A 304 28.79 -9.62 -10.73
CA THR A 304 28.41 -11.03 -10.67
C THR A 304 29.17 -11.83 -11.72
N ARG A 305 29.85 -11.17 -12.66
CA ARG A 305 30.39 -11.92 -13.79
C ARG A 305 31.38 -13.00 -13.35
N TYR A 306 31.17 -14.21 -13.87
CA TYR A 306 32.10 -15.29 -13.63
C TYR A 306 32.60 -15.83 -14.97
N ASP A 307 33.88 -15.58 -15.26
CA ASP A 307 34.37 -15.96 -16.59
C ASP A 307 35.24 -17.19 -16.39
N ASP A 308 34.85 -18.28 -17.01
CA ASP A 308 35.50 -19.59 -16.88
C ASP A 308 36.98 -19.54 -17.23
N ALA A 321 37.62 -20.41 -4.62
CA ALA A 321 37.07 -19.18 -5.19
C ALA A 321 35.82 -18.74 -4.44
N PRO A 322 34.94 -19.68 -4.14
CA PRO A 322 33.60 -19.39 -3.64
C PRO A 322 33.53 -18.40 -2.49
N LYS A 323 34.52 -18.39 -1.60
CA LYS A 323 34.66 -17.42 -0.53
C LYS A 323 34.60 -15.99 -1.04
N ASN A 324 34.99 -15.81 -2.30
CA ASN A 324 35.18 -14.49 -2.89
C ASN A 324 34.04 -14.16 -3.85
N TRP A 325 32.91 -14.85 -3.70
CA TRP A 325 31.79 -14.61 -4.60
C TRP A 325 30.79 -13.60 -4.03
N MET A 326 31.04 -13.06 -2.84
CA MET A 326 30.16 -12.00 -2.35
C MET A 326 30.59 -10.71 -3.06
N ASN A 327 29.73 -10.27 -3.98
CA ASN A 327 30.10 -9.15 -4.83
C ASN A 327 29.02 -8.07 -4.82
N LEU A 328 29.45 -6.89 -5.26
CA LEU A 328 28.67 -5.67 -5.20
C LEU A 328 27.39 -5.78 -6.02
N GLU A 329 27.53 -6.34 -7.22
CA GLU A 329 26.42 -6.39 -8.16
C GLU A 329 25.32 -7.34 -7.69
N ALA A 330 25.73 -8.45 -7.08
CA ALA A 330 24.75 -9.42 -6.61
C ALA A 330 23.90 -8.80 -5.52
N ILE A 331 24.55 -8.11 -4.58
CA ILE A 331 23.78 -7.45 -3.52
C ILE A 331 22.82 -6.44 -4.14
N HIS A 332 23.33 -5.70 -5.11
CA HIS A 332 22.57 -4.69 -5.83
C HIS A 332 21.36 -5.32 -6.53
N ASN A 333 21.50 -6.52 -7.06
CA ASN A 333 20.45 -7.24 -7.76
C ASN A 333 19.34 -7.65 -6.80
N ASN A 334 19.72 -8.17 -5.64
CA ASN A 334 18.68 -8.52 -4.66
C ASN A 334 17.89 -7.29 -4.21
N VAL A 335 18.57 -6.15 -4.07
CA VAL A 335 17.88 -4.94 -3.61
C VAL A 335 16.88 -4.49 -4.65
N HIS A 336 17.23 -4.60 -5.94
CA HIS A 336 16.25 -4.30 -6.98
C HIS A 336 14.97 -5.11 -6.80
N ASN A 337 15.13 -6.41 -6.61
CA ASN A 337 14.00 -7.32 -6.41
C ASN A 337 13.18 -6.91 -5.20
N TRP A 338 13.89 -6.70 -4.07
CA TRP A 338 13.19 -6.43 -2.82
C TRP A 338 12.42 -5.13 -2.87
N VAL A 339 12.94 -4.12 -3.58
CA VAL A 339 12.21 -2.86 -3.64
C VAL A 339 10.98 -2.97 -4.53
N GLY A 340 11.11 -3.59 -5.68
CA GLY A 340 10.07 -3.51 -6.69
C GLY A 340 9.07 -4.64 -6.66
N GLY A 341 9.51 -5.86 -6.30
CA GLY A 341 8.67 -7.05 -6.46
C GLY A 341 8.78 -7.57 -7.88
N PHE A 342 8.84 -8.89 -8.09
CA PHE A 342 8.90 -9.39 -9.46
C PHE A 342 7.80 -10.39 -9.74
N MET A 343 7.07 -10.85 -8.72
CA MET A 343 6.04 -11.87 -9.01
C MET A 343 4.68 -11.24 -9.19
N PHE A 344 4.13 -11.44 -10.39
CA PHE A 344 2.83 -10.91 -10.78
C PHE A 344 1.68 -11.75 -10.26
N SER A 345 1.91 -13.05 -10.05
CA SER A 345 0.84 -13.92 -9.54
C SER A 345 1.42 -14.97 -8.61
N ARG A 346 0.52 -15.73 -8.01
CA ARG A 346 0.87 -16.90 -7.23
C ARG A 346 -0.18 -17.97 -7.51
N PRO A 347 0.23 -19.21 -7.72
CA PRO A 347 -0.77 -20.27 -7.90
C PRO A 347 -1.55 -20.49 -6.61
N GLY A 348 -2.71 -21.16 -6.74
CA GLY A 348 -3.37 -21.64 -5.54
C GLY A 348 -4.25 -20.65 -4.84
N ARG A 349 -4.64 -21.00 -3.61
CA ARG A 349 -5.49 -20.15 -2.79
C ARG A 349 -4.64 -19.48 -1.70
N HIS A 350 -4.73 -18.15 -1.65
CA HIS A 350 -4.04 -17.36 -0.65
C HIS A 350 -4.87 -16.17 -0.21
N ASP A 351 -5.26 -16.14 1.07
CA ASP A 351 -5.94 -14.97 1.61
C ASP A 351 -4.99 -13.78 1.63
N LEU A 352 -3.87 -13.96 2.32
CA LEU A 352 -2.80 -12.98 2.33
C LEU A 352 -1.98 -13.01 1.05
N LYS A 353 -1.89 -11.86 0.37
CA LYS A 353 -1.20 -11.80 -0.93
C LYS A 353 0.07 -10.99 -0.80
N LEU A 354 1.18 -11.72 -0.69
CA LEU A 354 2.50 -11.16 -0.47
C LEU A 354 3.26 -10.92 -1.77
N TRP A 355 2.69 -11.30 -2.90
CA TRP A 355 3.34 -11.02 -4.18
C TRP A 355 2.94 -9.67 -4.73
N GLY A 356 3.26 -9.42 -5.99
CA GLY A 356 3.08 -8.10 -6.60
C GLY A 356 4.39 -7.65 -7.24
N ALA A 357 4.29 -7.06 -8.42
CA ALA A 357 5.50 -6.69 -9.13
C ALA A 357 5.58 -5.19 -9.34
N GLY A 358 6.78 -4.72 -9.63
CA GLY A 358 7.03 -3.30 -9.79
C GLY A 358 8.35 -3.03 -10.49
N HIS A 359 8.53 -1.79 -10.92
CA HIS A 359 9.57 -1.43 -11.87
C HIS A 359 10.95 -1.81 -11.42
N MET A 360 11.23 -1.68 -10.13
CA MET A 360 12.62 -1.83 -9.69
C MET A 360 13.15 -3.24 -9.87
N SER A 361 12.26 -4.23 -10.05
CA SER A 361 12.76 -5.59 -10.21
C SER A 361 13.12 -5.87 -11.67
N SER A 362 12.77 -4.96 -12.57
CA SER A 362 12.82 -5.22 -14.00
C SER A 362 13.90 -4.42 -14.72
N VAL A 363 14.93 -5.05 -15.29
CA VAL A 363 16.02 -4.30 -15.92
C VAL A 363 15.52 -3.25 -16.90
N PRO A 364 14.64 -3.60 -17.82
CA PRO A 364 14.23 -2.62 -18.85
C PRO A 364 13.59 -1.36 -18.30
N VAL A 365 12.94 -1.40 -17.13
CA VAL A 365 12.24 -0.22 -16.64
C VAL A 365 12.63 0.20 -15.22
N ALA A 366 13.60 -0.45 -14.58
CA ALA A 366 13.90 -0.07 -13.19
C ALA A 366 14.31 1.38 -13.06
N ALA A 367 14.99 1.95 -14.06
CA ALA A 367 15.54 3.31 -13.91
C ALA A 367 14.45 4.37 -13.79
N TYR A 368 13.22 4.06 -14.21
CA TYR A 368 12.13 5.02 -14.06
C TYR A 368 11.73 5.23 -12.61
N ASP A 369 11.93 4.24 -11.73
CA ASP A 369 11.55 4.51 -10.34
C ASP A 369 12.57 5.44 -9.68
N PRO A 370 12.15 6.58 -9.16
CA PRO A 370 13.11 7.52 -8.59
C PRO A 370 14.04 6.91 -7.55
N ILE A 371 13.66 5.82 -6.87
CA ILE A 371 14.58 5.23 -5.89
C ILE A 371 15.77 4.57 -6.58
N PHE A 372 15.65 4.26 -7.87
CA PHE A 372 16.76 3.63 -8.59
C PHE A 372 18.05 4.41 -8.41
N TRP A 373 17.95 5.75 -8.52
CA TRP A 373 19.14 6.60 -8.53
C TRP A 373 19.76 6.60 -7.14
N LEU A 374 18.90 6.49 -6.13
CA LEU A 374 19.36 6.55 -4.74
C LEU A 374 20.05 5.26 -4.33
N HIS A 375 19.47 4.15 -4.80
CA HIS A 375 20.10 2.85 -4.74
C HIS A 375 21.48 2.88 -5.38
N HIS A 376 21.52 3.35 -6.63
CA HIS A 376 22.78 3.41 -7.33
C HIS A 376 23.74 4.40 -6.69
N CYS A 377 23.22 5.43 -6.04
CA CYS A 377 24.11 6.32 -5.29
C CYS A 377 24.79 5.53 -4.19
N ASN A 378 24.04 4.67 -3.47
CA ASN A 378 24.71 3.87 -2.43
C ASN A 378 25.65 2.81 -3.04
N ILE A 379 25.32 2.23 -4.17
CA ILE A 379 26.24 1.28 -4.81
C ILE A 379 27.54 1.98 -5.15
N ASP A 380 27.46 3.25 -5.59
CA ASP A 380 28.66 4.02 -5.86
C ASP A 380 29.45 4.21 -4.56
N ARG A 381 28.73 4.47 -3.47
CA ARG A 381 29.35 4.69 -2.16
C ARG A 381 30.04 3.42 -1.66
N LEU A 382 29.37 2.27 -1.79
CA LEU A 382 30.00 1.00 -1.45
C LEU A 382 31.25 0.73 -2.28
N THR A 383 31.20 1.07 -3.56
CA THR A 383 32.41 0.99 -4.39
C THR A 383 33.51 1.86 -3.82
N ALA A 384 33.18 3.11 -3.48
CA ALA A 384 34.22 4.02 -2.96
C ALA A 384 34.78 3.48 -1.65
N ILE A 385 33.94 2.95 -0.78
CA ILE A 385 34.43 2.36 0.48
C ILE A 385 35.37 1.22 0.19
N TRP A 386 34.92 0.31 -0.68
CA TRP A 386 35.74 -0.86 -0.97
C TRP A 386 37.05 -0.41 -1.60
N GLN A 387 37.01 0.55 -2.52
CA GLN A 387 38.27 1.03 -3.10
C GLN A 387 39.23 1.53 -2.03
N THR A 388 38.66 2.23 -1.06
CA THR A 388 39.48 2.84 -0.01
C THR A 388 40.21 1.82 0.86
N VAL A 389 39.60 0.66 1.05
CA VAL A 389 40.29 -0.38 1.82
C VAL A 389 40.89 -1.46 0.95
N ASN A 390 40.84 -1.28 -0.37
CA ASN A 390 41.47 -2.22 -1.30
C ASN A 390 42.19 -1.46 -2.41
N SER A 391 43.04 -0.51 -2.00
CA SER A 391 43.43 0.56 -2.89
C SER A 391 44.31 0.11 -4.05
N GLY A 392 44.88 -1.09 -4.00
CA GLY A 392 45.62 -1.55 -5.17
C GLY A 392 44.80 -2.39 -6.12
N SER A 393 43.52 -2.62 -5.81
CA SER A 393 42.74 -3.57 -6.62
C SER A 393 41.79 -2.86 -7.57
N TRP A 394 42.28 -2.54 -8.76
CA TRP A 394 41.53 -1.77 -9.75
C TRP A 394 41.80 -2.32 -11.14
N PHE A 395 40.84 -3.09 -11.64
CA PHE A 395 40.98 -3.71 -12.96
C PHE A 395 42.35 -4.36 -13.09
N ASN A 396 42.79 -4.95 -12.01
CA ASN A 396 44.13 -5.35 -11.62
C ASN A 396 44.39 -6.83 -11.82
N ASP A 397 43.40 -7.59 -12.21
CA ASP A 397 43.53 -9.05 -12.32
C ASP A 397 43.36 -9.44 -13.78
N ASP A 398 43.81 -10.62 -14.20
CA ASP A 398 43.80 -10.87 -15.64
C ASP A 398 42.38 -11.10 -16.16
N LYS A 399 41.40 -11.17 -15.26
CA LYS A 399 40.02 -11.24 -15.72
C LYS A 399 39.48 -9.86 -16.04
N SER A 400 39.58 -8.92 -15.12
CA SER A 400 38.95 -7.60 -15.33
C SER A 400 39.83 -6.64 -16.12
N LYS A 401 41.12 -6.90 -16.23
CA LYS A 401 42.06 -6.01 -16.90
C LYS A 401 41.61 -5.56 -18.29
N VAL A 402 41.13 -6.48 -19.13
CA VAL A 402 40.71 -6.12 -20.48
C VAL A 402 39.54 -5.14 -20.51
N SER A 403 38.64 -5.20 -19.53
CA SER A 403 37.49 -4.33 -19.57
C SER A 403 37.81 -2.90 -19.16
N LYS A 404 38.98 -2.66 -18.59
CA LYS A 404 39.34 -1.39 -18.00
C LYS A 404 39.17 -0.24 -18.98
N ASP A 405 39.51 -0.46 -20.25
CA ASP A 405 39.52 0.60 -21.24
C ASP A 405 38.25 0.68 -22.07
N ASP A 406 37.21 -0.07 -21.69
CA ASP A 406 35.94 0.06 -22.41
C ASP A 406 35.44 1.50 -22.38
N ASP A 407 35.00 2.01 -23.53
CA ASP A 407 34.26 3.27 -23.49
C ASP A 407 32.93 3.07 -22.78
N LEU A 408 32.64 3.98 -21.85
CA LEU A 408 31.39 3.92 -21.10
C LEU A 408 30.34 4.76 -21.84
N ARG A 409 30.07 4.30 -23.05
CA ARG A 409 29.01 4.88 -23.88
C ARG A 409 27.73 4.92 -23.08
N PRO A 410 26.89 5.94 -23.16
CA PRO A 410 27.02 7.03 -24.14
C PRO A 410 27.63 8.29 -23.54
N PHE A 411 28.36 8.14 -22.45
CA PHE A 411 28.75 9.31 -21.64
C PHE A 411 29.95 10.02 -22.23
N HIS A 412 29.82 11.31 -22.53
CA HIS A 412 30.89 12.13 -23.09
C HIS A 412 31.62 13.01 -22.08
N ARG A 413 32.92 13.19 -22.35
CA ARG A 413 33.73 14.18 -21.62
C ARG A 413 34.74 14.81 -22.56
N PHE A 414 35.33 15.92 -22.13
CA PHE A 414 36.30 16.61 -23.00
C PHE A 414 37.72 16.16 -22.68
N CYS A 415 38.42 15.59 -23.66
CA CYS A 415 39.81 15.22 -23.47
C CYS A 415 40.74 16.43 -23.59
N GLU A 416 41.53 16.65 -22.55
CA GLU A 416 42.42 17.80 -22.44
C GLU A 416 43.73 17.60 -23.19
N LYS A 417 44.16 16.34 -23.34
CA LYS A 417 45.40 16.09 -24.09
C LYS A 417 45.17 16.32 -25.58
N THR A 418 44.07 15.80 -26.09
CA THR A 418 43.75 15.88 -27.52
C THR A 418 42.80 17.03 -27.81
N ARG A 419 42.34 17.69 -26.75
CA ARG A 419 41.32 18.73 -26.88
C ARG A 419 40.18 18.20 -27.76
N LYS A 420 39.65 17.05 -27.35
CA LYS A 420 38.61 16.36 -28.10
C LYS A 420 37.54 15.79 -27.18
N VAL A 421 36.31 15.70 -27.68
CA VAL A 421 35.25 15.01 -26.97
C VAL A 421 35.39 13.50 -27.16
N VAL A 422 35.48 12.81 -26.02
CA VAL A 422 35.61 11.35 -26.00
C VAL A 422 34.58 10.72 -25.09
N PHE A 423 34.55 9.40 -25.03
CA PHE A 423 33.72 8.70 -24.04
C PHE A 423 34.48 8.61 -22.72
N PHE A 424 33.70 8.65 -21.63
CA PHE A 424 34.21 8.29 -20.33
C PHE A 424 34.86 6.91 -20.35
N ARG A 425 35.93 6.75 -19.59
CA ARG A 425 36.55 5.45 -19.37
C ARG A 425 36.65 5.20 -17.87
N SER A 426 36.76 3.96 -17.41
CA SER A 426 36.81 3.68 -15.99
C SER A 426 37.88 4.46 -15.25
N ASP A 427 39.07 4.57 -15.85
CA ASP A 427 40.19 5.19 -15.16
C ASP A 427 39.86 6.65 -14.87
N ASP A 428 38.98 7.26 -15.66
CA ASP A 428 38.61 8.66 -15.46
C ASP A 428 37.86 8.87 -14.15
N VAL A 429 37.27 7.78 -13.62
CA VAL A 429 36.43 7.95 -12.44
C VAL A 429 36.93 7.08 -11.30
N LYS A 430 38.17 6.61 -11.43
CA LYS A 430 38.80 5.87 -10.34
C LYS A 430 38.75 6.68 -9.06
N ASP A 431 39.20 7.94 -9.13
CA ASP A 431 38.98 8.86 -8.04
C ASP A 431 37.64 9.58 -8.25
N TRP A 432 36.62 9.16 -7.50
CA TRP A 432 35.29 9.74 -7.64
C TRP A 432 35.35 11.22 -7.30
N ARG A 433 36.36 11.63 -6.52
CA ARG A 433 36.43 13.04 -6.14
C ARG A 433 36.74 13.91 -7.35
N SER A 434 37.21 13.31 -8.44
CA SER A 434 37.42 14.09 -9.66
C SER A 434 36.11 14.61 -10.22
N LEU A 435 35.00 14.01 -9.78
CA LEU A 435 33.67 14.43 -10.16
C LEU A 435 33.04 15.37 -9.12
N ASN A 436 33.83 15.80 -8.14
CA ASN A 436 33.50 16.85 -7.20
C ASN A 436 32.33 16.45 -6.30
N TYR A 437 32.37 15.21 -5.85
CA TYR A 437 31.57 14.77 -4.73
C TYR A 437 32.40 13.81 -3.87
N ASP A 438 31.93 13.62 -2.65
CA ASP A 438 32.57 12.62 -1.80
C ASP A 438 31.50 12.00 -0.90
N TYR A 439 31.92 11.09 -0.04
CA TYR A 439 31.05 10.50 0.96
C TYR A 439 31.68 10.75 2.33
N ALA A 440 30.86 10.99 3.34
CA ALA A 440 31.44 11.19 4.67
C ALA A 440 32.39 10.05 5.01
N ILE A 441 32.06 8.83 4.65
CA ILE A 441 32.76 7.66 5.18
C ILE A 441 34.14 7.51 4.56
N THR A 442 34.35 8.08 3.37
CA THR A 442 35.61 8.02 2.64
C THR A 442 36.38 9.33 2.75
N LYS A 443 35.76 10.37 3.32
CA LYS A 443 36.50 11.63 3.47
C LYS A 443 37.49 11.50 4.62
N ASP A 444 37.25 10.55 5.52
CA ASP A 444 38.16 10.26 6.62
C ASP A 444 38.43 8.77 6.71
N ALA A 445 39.42 8.31 5.97
CA ALA A 445 39.68 6.89 5.79
C ALA A 445 40.12 6.23 7.09
N SER A 446 40.76 7.01 7.95
CA SER A 446 41.35 6.56 9.20
C SER A 446 40.44 5.60 9.96
N ARG A 447 39.20 6.03 10.14
CA ARG A 447 38.23 5.33 10.97
C ARG A 447 37.24 4.49 10.17
N ILE A 448 37.57 4.23 8.90
CA ILE A 448 36.59 3.58 8.05
C ILE A 448 36.22 2.19 8.54
N ARG A 449 37.17 1.40 9.03
CA ARG A 449 36.78 0.03 9.40
C ARG A 449 35.83 0.06 10.58
N LYS A 450 36.05 1.02 11.49
CA LYS A 450 35.15 1.08 12.64
C LYS A 450 33.78 1.59 12.23
N GLU A 451 33.76 2.54 11.30
CA GLU A 451 32.49 3.05 10.80
C GLU A 451 31.71 1.94 10.10
N ILE A 452 32.42 1.14 9.30
CA ILE A 452 31.77 -0.01 8.67
C ILE A 452 31.17 -0.94 9.71
N SER A 453 31.93 -1.26 10.74
CA SER A 453 31.46 -2.13 11.82
C SER A 453 30.28 -1.50 12.55
N ASP A 454 30.37 -0.20 12.84
CA ASP A 454 29.26 0.43 13.54
C ASP A 454 27.98 0.41 12.72
N LEU A 455 28.06 0.70 11.43
CA LEU A 455 26.90 0.76 10.57
C LEU A 455 26.36 -0.62 10.21
N TYR A 456 27.25 -1.57 9.93
CA TYR A 456 26.77 -2.80 9.29
C TYR A 456 27.15 -4.03 10.09
N GLY A 457 27.96 -3.88 11.13
CA GLY A 457 28.40 -5.06 11.86
C GLY A 457 27.52 -5.32 13.07
N GLU A 470 32.66 -22.00 13.58
CA GLU A 470 32.93 -22.07 12.15
C GLU A 470 31.95 -21.23 11.34
N ASP A 471 32.40 -20.59 10.28
CA ASP A 471 31.48 -19.91 9.38
C ASP A 471 30.95 -20.90 8.34
N TYR A 472 29.73 -20.66 7.90
CA TYR A 472 29.16 -21.35 6.75
C TYR A 472 28.73 -20.30 5.72
N ILE A 473 28.97 -20.58 4.45
CA ILE A 473 28.50 -19.74 3.36
C ILE A 473 27.85 -20.62 2.30
N LEU A 474 26.91 -20.03 1.57
CA LEU A 474 26.34 -20.66 0.39
C LEU A 474 26.94 -20.00 -0.85
N SER A 475 27.44 -20.83 -1.76
CA SER A 475 27.85 -20.34 -3.08
C SER A 475 26.74 -20.61 -4.09
N ILE A 476 26.55 -19.65 -4.99
CA ILE A 476 25.54 -19.79 -6.02
C ILE A 476 26.11 -19.36 -7.37
N ARG A 477 26.12 -20.28 -8.33
CA ARG A 477 26.59 -19.96 -9.68
C ARG A 477 25.46 -20.31 -10.64
N TYR A 478 25.13 -19.34 -11.48
CA TYR A 478 23.93 -19.48 -12.29
C TYR A 478 24.13 -18.77 -13.62
N SER A 479 23.32 -19.15 -14.59
CA SER A 479 23.25 -18.38 -15.83
C SER A 479 22.13 -17.36 -15.78
N ARG A 480 22.45 -16.10 -16.08
CA ARG A 480 21.38 -15.10 -16.25
C ARG A 480 20.35 -15.49 -17.30
N TYR A 481 20.79 -16.36 -18.21
CA TYR A 481 19.95 -16.75 -19.34
C TYR A 481 19.37 -18.14 -19.16
N ALA A 482 19.33 -18.65 -17.92
CA ALA A 482 18.70 -19.96 -17.66
C ALA A 482 17.24 -20.00 -18.11
N LEU A 483 16.54 -18.87 -18.08
CA LEU A 483 15.19 -18.79 -18.65
C LEU A 483 15.15 -17.88 -19.87
N GLY A 484 16.18 -17.97 -20.71
CA GLY A 484 16.26 -17.18 -21.92
C GLY A 484 16.41 -15.70 -21.70
N GLY A 485 16.72 -15.29 -20.47
CA GLY A 485 16.91 -13.88 -20.17
C GLY A 485 15.88 -13.32 -19.22
N LYS A 486 14.74 -14.01 -19.06
CA LYS A 486 13.75 -13.64 -18.07
C LYS A 486 14.33 -13.68 -16.65
N PRO A 487 13.81 -12.82 -15.79
CA PRO A 487 14.27 -12.84 -14.39
C PRO A 487 13.73 -14.09 -13.69
N PHE A 488 14.44 -14.45 -12.63
CA PHE A 488 13.97 -15.48 -11.72
C PHE A 488 14.64 -15.28 -10.36
N GLN A 489 14.13 -15.99 -9.38
CA GLN A 489 14.66 -15.92 -8.03
C GLN A 489 15.06 -17.31 -7.56
N ILE A 490 16.30 -17.43 -7.09
CA ILE A 490 16.78 -18.71 -6.57
C ILE A 490 16.60 -18.71 -5.06
N ASN A 491 15.67 -19.51 -4.55
CA ASN A 491 15.44 -19.59 -3.10
C ASN A 491 16.07 -20.83 -2.51
N ILE A 492 16.78 -20.68 -1.40
CA ILE A 492 17.50 -21.80 -0.79
C ILE A 492 16.93 -22.08 0.60
N PHE A 493 16.81 -23.36 0.92
CA PHE A 493 16.16 -23.87 2.10
C PHE A 493 17.07 -24.90 2.76
N PHE A 494 17.01 -24.99 4.08
CA PHE A 494 17.58 -26.08 4.84
C PHE A 494 16.43 -26.88 5.47
N GLY A 495 16.20 -28.08 4.98
CA GLY A 495 15.08 -28.89 5.44
C GLY A 495 14.02 -29.04 4.36
N ASP A 496 12.88 -29.60 4.75
CA ASP A 496 11.74 -29.85 3.90
C ASP A 496 11.21 -28.55 3.30
N VAL A 497 10.98 -28.53 2.00
CA VAL A 497 10.38 -27.36 1.38
C VAL A 497 8.87 -27.53 1.31
N ASP A 498 8.14 -26.48 1.70
CA ASP A 498 6.69 -26.47 1.55
C ASP A 498 6.35 -26.27 0.06
N GLY A 499 5.65 -27.26 -0.49
CA GLY A 499 5.33 -27.32 -1.89
C GLY A 499 4.42 -26.22 -2.38
N LYS A 500 3.80 -25.48 -1.46
CA LYS A 500 2.93 -24.37 -1.81
C LYS A 500 3.44 -23.05 -1.27
N ASP A 501 4.64 -23.04 -0.71
CA ASP A 501 5.17 -21.83 -0.08
C ASP A 501 6.70 -21.88 -0.03
N PHE A 502 7.31 -21.40 -1.09
CA PHE A 502 8.74 -21.56 -1.35
C PHE A 502 9.35 -20.26 -1.84
N TYR A 503 8.93 -19.17 -1.20
CA TYR A 503 9.04 -17.84 -1.74
C TYR A 503 9.91 -16.87 -0.97
N ASP A 504 9.82 -16.89 0.35
CA ASP A 504 10.37 -15.76 1.12
C ASP A 504 10.57 -16.16 2.56
N ALA A 505 10.83 -15.17 3.42
CA ALA A 505 11.13 -15.52 4.80
C ALA A 505 9.94 -16.13 5.52
N ARG A 506 8.72 -16.03 5.00
CA ARG A 506 7.61 -16.69 5.69
C ARG A 506 7.49 -18.16 5.30
N SER A 507 8.23 -18.55 4.27
CA SER A 507 8.25 -19.93 3.77
C SER A 507 9.11 -20.83 4.67
N GLN A 508 8.54 -21.94 5.11
CA GLN A 508 9.26 -22.78 6.07
C GLN A 508 10.64 -23.14 5.53
N ASN A 509 11.60 -23.04 6.45
CA ASN A 509 12.99 -23.43 6.25
C ASN A 509 13.75 -22.60 5.24
N PHE A 510 13.21 -21.47 4.82
CA PHE A 510 13.89 -20.56 3.92
C PHE A 510 15.18 -20.07 4.56
N VAL A 511 16.26 -20.00 3.80
CA VAL A 511 17.54 -19.49 4.26
C VAL A 511 17.96 -18.22 3.54
N GLY A 512 17.63 -18.10 2.25
CA GLY A 512 18.07 -16.89 1.54
C GLY A 512 17.84 -17.02 0.05
N SER A 513 18.01 -15.91 -0.67
CA SER A 513 17.66 -15.84 -2.08
C SER A 513 18.75 -15.13 -2.87
N VAL A 514 18.76 -15.44 -4.16
CA VAL A 514 19.59 -14.83 -5.18
C VAL A 514 18.69 -14.41 -6.34
N PHE A 515 18.62 -13.10 -6.62
CA PHE A 515 17.76 -12.64 -7.70
C PHE A 515 18.53 -12.46 -8.98
N ASN A 516 18.03 -13.08 -10.05
CA ASN A 516 18.57 -12.86 -11.39
C ASN A 516 17.94 -11.60 -12.00
N PHE A 517 18.65 -10.50 -11.86
CA PHE A 517 18.27 -9.19 -12.39
C PHE A 517 18.65 -9.13 -13.87
N SER A 518 17.75 -9.71 -14.64
CA SER A 518 17.92 -9.81 -16.09
C SER A 518 16.55 -9.59 -16.72
N GLY A 519 16.51 -9.11 -17.97
CA GLY A 519 15.22 -9.04 -18.65
C GLY A 519 15.32 -8.26 -19.94
N ALA A 530 15.93 -18.44 -27.64
CA ALA A 530 16.37 -17.42 -28.58
C ALA A 530 17.42 -16.49 -27.98
N GLN A 531 17.64 -16.58 -26.68
CA GLN A 531 18.58 -15.71 -25.98
C GLN A 531 19.52 -16.50 -25.06
N GLN A 532 20.82 -16.25 -25.22
CA GLN A 532 21.84 -16.89 -24.41
C GLN A 532 22.84 -15.88 -23.86
N GLU A 533 23.51 -16.27 -22.79
CA GLU A 533 24.56 -15.45 -22.21
C GLU A 533 25.78 -15.40 -23.12
N GLN A 534 26.70 -14.47 -22.85
CA GLN A 534 28.00 -14.52 -23.53
C GLN A 534 28.67 -15.86 -23.25
N GLU A 535 29.28 -16.43 -24.29
CA GLU A 535 29.91 -17.74 -24.17
C GLU A 535 31.03 -17.69 -23.12
N GLY A 536 31.02 -18.67 -22.23
CA GLY A 536 32.05 -18.79 -21.21
C GLY A 536 31.73 -17.96 -19.99
N VAL A 537 30.58 -17.29 -20.00
CA VAL A 537 30.29 -16.36 -18.90
C VAL A 537 29.10 -16.85 -18.08
N LEU A 538 29.23 -16.79 -16.75
CA LEU A 538 28.13 -17.09 -15.85
C LEU A 538 28.03 -16.01 -14.79
N SER A 539 27.23 -16.24 -13.74
CA SER A 539 27.08 -15.22 -12.70
C SER A 539 27.18 -15.90 -11.34
N VAL A 540 27.75 -15.18 -10.37
CA VAL A 540 27.86 -15.75 -9.03
C VAL A 540 27.30 -14.83 -7.96
N SER A 541 26.89 -15.44 -6.86
CA SER A 541 26.51 -14.68 -5.67
C SER A 541 26.92 -15.52 -4.47
N GLN A 542 26.82 -14.97 -3.28
CA GLN A 542 27.10 -15.73 -2.06
C GLN A 542 26.04 -15.35 -1.03
N LEU A 543 25.68 -16.29 -0.16
CA LEU A 543 24.84 -16.00 0.99
C LEU A 543 25.49 -16.44 2.29
N PRO A 544 25.28 -15.67 3.34
CA PRO A 544 25.71 -16.13 4.66
C PRO A 544 24.83 -17.33 5.04
N ALA A 545 25.39 -18.29 5.76
CA ALA A 545 24.61 -19.45 6.18
C ALA A 545 24.89 -19.90 7.61
N ARG A 546 25.75 -19.19 8.34
CA ARG A 546 26.15 -19.68 9.66
C ARG A 546 24.97 -19.88 10.60
N LEU A 547 24.16 -18.83 10.76
CA LEU A 547 23.11 -18.88 11.78
C LEU A 547 22.08 -19.93 11.39
N ALA A 548 21.77 -19.94 10.10
CA ALA A 548 20.81 -20.92 9.58
C ALA A 548 21.32 -22.34 9.74
N VAL A 549 22.60 -22.60 9.52
CA VAL A 549 23.10 -23.95 9.79
C VAL A 549 23.03 -24.26 11.28
N HIS A 550 23.39 -23.33 12.17
CA HIS A 550 23.21 -23.63 13.60
C HIS A 550 21.79 -24.07 13.94
N TYR A 551 20.79 -23.34 13.47
CA TYR A 551 19.42 -23.72 13.80
C TYR A 551 19.03 -25.07 13.20
N TYR A 552 19.38 -25.26 11.93
CA TYR A 552 19.10 -26.55 11.30
C TYR A 552 19.76 -27.68 12.07
N LYS A 553 21.04 -27.54 12.45
CA LYS A 553 21.63 -28.68 13.18
C LYS A 553 20.88 -28.96 14.48
N LYS A 554 20.55 -27.87 15.18
CA LYS A 554 19.91 -28.00 16.48
C LYS A 554 18.59 -28.75 16.34
N GLN A 555 17.89 -28.53 15.24
CA GLN A 555 16.59 -29.15 15.01
C GLN A 555 16.71 -30.52 14.37
N ASN A 556 17.90 -30.84 13.87
CA ASN A 556 18.01 -32.03 13.04
C ASN A 556 19.17 -32.94 13.44
N LYS A 557 19.33 -33.10 14.77
CA LYS A 557 20.29 -34.04 15.31
C LYS A 557 21.72 -33.80 14.82
N GLY A 558 22.04 -32.54 14.53
CA GLY A 558 23.40 -32.15 14.16
C GLY A 558 23.70 -32.31 12.69
N GLU A 559 22.74 -32.75 11.90
CA GLU A 559 22.92 -32.94 10.47
C GLU A 559 23.32 -31.65 9.77
N VAL A 560 24.37 -31.72 8.97
CA VAL A 560 24.77 -30.61 8.09
C VAL A 560 23.75 -30.54 6.96
N PRO A 561 23.03 -29.43 6.77
CA PRO A 561 21.91 -29.43 5.82
C PRO A 561 22.39 -29.55 4.38
N THR A 562 21.65 -30.31 3.58
CA THR A 562 21.83 -30.24 2.14
C THR A 562 21.06 -29.01 1.66
N PRO A 563 21.70 -28.05 1.03
CA PRO A 563 20.92 -26.92 0.50
C PRO A 563 19.92 -27.42 -0.53
N ARG A 564 18.67 -26.97 -0.37
CA ARG A 564 17.60 -27.30 -1.31
C ARG A 564 17.22 -26.01 -2.02
N TYR A 565 17.09 -26.05 -3.35
CA TYR A 565 16.76 -24.77 -4.00
C TYR A 565 15.52 -24.92 -4.89
N VAL A 566 14.83 -23.80 -5.03
CA VAL A 566 13.75 -23.66 -5.99
C VAL A 566 14.03 -22.41 -6.84
N VAL A 567 13.80 -22.51 -8.13
CA VAL A 567 13.94 -21.40 -9.07
C VAL A 567 12.54 -20.90 -9.41
N VAL A 568 12.23 -19.70 -8.92
CA VAL A 568 10.86 -19.19 -9.03
C VAL A 568 10.77 -18.17 -10.16
N ASN A 569 9.71 -18.27 -10.96
CA ASN A 569 9.49 -17.27 -12.01
C ASN A 569 8.46 -16.22 -11.61
N SER A 570 8.17 -15.31 -12.55
CA SER A 570 7.31 -14.17 -12.28
C SER A 570 5.86 -14.58 -12.06
N GLN A 571 5.49 -15.81 -12.35
CA GLN A 571 4.16 -16.31 -11.99
C GLN A 571 4.15 -17.05 -10.68
N GLY A 572 5.25 -17.01 -9.89
CA GLY A 572 5.27 -17.74 -8.64
C GLY A 572 5.32 -19.24 -8.80
N LYS A 573 5.74 -19.69 -9.97
CA LYS A 573 5.90 -21.13 -10.20
C LYS A 573 7.36 -21.54 -10.23
N ALA A 574 7.58 -22.80 -9.84
CA ALA A 574 8.94 -23.34 -9.79
C ALA A 574 9.36 -23.90 -11.15
N GLU A 575 10.46 -23.40 -11.69
CA GLU A 575 11.01 -23.82 -12.97
C GLU A 575 11.92 -25.03 -12.78
N ALA A 576 11.32 -26.21 -12.91
CA ALA A 576 12.02 -27.41 -12.46
C ALA A 576 13.20 -27.75 -13.35
N GLU A 577 13.31 -27.19 -14.55
CA GLU A 577 14.38 -27.61 -15.44
C GLU A 577 15.63 -26.77 -15.25
N VAL A 578 15.52 -25.70 -14.46
CA VAL A 578 16.68 -24.84 -14.23
C VAL A 578 17.62 -25.49 -13.21
N LYS A 579 18.87 -25.67 -13.60
CA LYS A 579 19.90 -26.11 -12.69
C LYS A 579 20.78 -24.92 -12.31
N VAL A 580 21.06 -24.82 -11.02
CA VAL A 580 21.95 -23.81 -10.44
C VAL A 580 23.00 -24.54 -9.62
N GLU A 581 24.22 -24.01 -9.57
CA GLU A 581 25.22 -24.65 -8.72
C GLU A 581 25.15 -24.01 -7.34
N VAL A 582 24.60 -24.74 -6.38
CA VAL A 582 24.56 -24.26 -5.01
C VAL A 582 25.42 -25.18 -4.14
N ALA A 583 26.25 -24.62 -3.27
CA ALA A 583 27.02 -25.49 -2.38
C ALA A 583 27.19 -24.82 -1.03
N LEU A 584 27.31 -25.67 -0.03
CA LEU A 584 27.56 -25.16 1.33
C LEU A 584 29.04 -25.35 1.66
N HIS A 585 29.65 -24.28 2.17
CA HIS A 585 31.07 -24.29 2.55
C HIS A 585 31.26 -23.92 4.03
N LYS A 586 32.24 -24.54 4.67
CA LYS A 586 32.58 -24.30 6.05
C LYS A 586 34.08 -24.07 6.25
N THR A 587 34.38 -23.20 7.21
CA THR A 587 35.75 -22.91 7.59
C THR A 587 36.36 -24.06 8.41
N ASP A 602 40.01 -20.72 5.35
CA ASP A 602 39.91 -21.77 4.34
C ASP A 602 38.57 -22.49 4.44
N TYR A 603 37.69 -22.16 3.52
CA TYR A 603 36.41 -22.86 3.41
C TYR A 603 36.55 -24.18 2.66
N ARG A 604 35.92 -25.20 3.21
CA ARG A 604 35.81 -26.48 2.52
C ARG A 604 34.36 -26.71 2.09
N ARG A 605 34.17 -27.31 0.93
CA ARG A 605 32.82 -27.67 0.49
C ARG A 605 32.28 -28.82 1.32
N VAL A 606 31.12 -28.64 1.97
CA VAL A 606 30.65 -29.72 2.84
C VAL A 606 29.32 -30.29 2.38
N ALA A 607 28.68 -29.66 1.40
CA ALA A 607 27.42 -30.21 0.91
C ALA A 607 27.04 -29.56 -0.42
N ASP A 608 26.52 -30.37 -1.34
CA ASP A 608 26.09 -29.85 -2.63
C ASP A 608 24.58 -29.72 -2.67
N GLY A 609 24.09 -28.62 -3.25
CA GLY A 609 22.66 -28.39 -3.24
C GLY A 609 21.92 -29.24 -4.25
N LYS A 610 20.62 -29.35 -4.00
CA LYS A 610 19.73 -30.14 -4.83
C LYS A 610 18.43 -29.35 -5.05
N ARG A 611 17.87 -29.44 -6.24
CA ARG A 611 16.58 -28.81 -6.50
C ARG A 611 15.52 -29.48 -5.64
N ALA A 612 14.58 -28.73 -5.08
CA ALA A 612 13.42 -29.31 -4.42
C ALA A 612 12.20 -29.24 -5.32
N GLU A 613 11.45 -30.33 -5.37
CA GLU A 613 10.17 -30.35 -6.06
C GLU A 613 9.13 -29.59 -5.25
N VAL A 614 8.17 -28.97 -5.92
CA VAL A 614 7.07 -28.29 -5.23
C VAL A 614 5.74 -28.93 -5.60
N ASP A 615 4.60 -28.39 -5.18
CA ASP A 615 3.36 -29.05 -5.61
C ASP A 615 3.18 -28.93 -7.12
N ASP A 616 2.46 -29.90 -7.67
CA ASP A 616 2.22 -29.94 -9.11
C ASP A 616 1.53 -28.67 -9.60
N ALA A 617 0.61 -28.11 -8.82
CA ALA A 617 -0.09 -26.89 -9.20
C ALA A 617 0.84 -25.68 -9.20
N TYR A 618 2.01 -25.83 -8.60
CA TYR A 618 2.96 -24.71 -8.48
C TYR A 618 4.18 -24.89 -9.37
N ARG A 619 4.18 -25.91 -10.22
CA ARG A 619 5.31 -26.15 -11.11
C ARG A 619 5.07 -25.43 -12.44
N ALA A 620 6.12 -24.78 -12.93
CA ALA A 620 6.08 -24.11 -14.22
C ALA A 620 5.82 -25.14 -15.31
N GLY B 1 -27.23 27.77 4.90
CA GLY B 1 -26.60 27.26 3.70
C GLY B 1 -26.07 28.40 2.83
N PRO B 2 -25.61 28.07 1.62
CA PRO B 2 -25.15 29.12 0.70
C PRO B 2 -26.25 30.16 0.53
N GLY B 3 -25.87 31.42 0.34
CA GLY B 3 -26.84 32.49 0.21
C GLY B 3 -27.53 32.88 1.51
N GLY B 4 -27.15 32.26 2.62
CA GLY B 4 -27.74 32.61 3.90
C GLY B 4 -29.14 32.07 4.09
N SER B 5 -29.47 31.00 3.35
CA SER B 5 -30.79 30.38 3.53
C SER B 5 -30.57 28.92 3.87
N PRO B 6 -31.49 28.27 4.55
CA PRO B 6 -31.30 26.82 4.76
C PRO B 6 -31.11 26.08 3.45
N TYR B 7 -30.22 25.08 3.47
CA TYR B 7 -30.07 24.17 2.34
C TYR B 7 -31.13 23.09 2.38
N LEU B 8 -32.07 23.13 1.45
CA LEU B 8 -33.17 22.16 1.47
C LEU B 8 -32.79 20.85 0.80
N ILE B 9 -32.75 19.77 1.58
CA ILE B 9 -32.44 18.45 1.04
C ILE B 9 -33.68 17.80 0.45
N THR B 10 -33.65 17.53 -0.85
CA THR B 10 -34.81 17.01 -1.55
C THR B 10 -34.54 15.67 -2.21
N GLY B 11 -33.27 15.30 -2.30
CA GLY B 11 -32.85 14.32 -3.30
C GLY B 11 -32.81 15.00 -4.66
N ILE B 12 -32.30 14.31 -5.66
CA ILE B 12 -32.26 14.91 -7.00
C ILE B 12 -33.67 15.20 -7.49
N PRO B 13 -33.94 16.41 -7.97
CA PRO B 13 -35.30 16.75 -8.39
C PRO B 13 -35.89 15.78 -9.41
N LYS B 14 -37.20 15.53 -9.26
CA LYS B 14 -37.92 14.67 -10.17
C LYS B 14 -38.02 15.28 -11.56
N ASP B 15 -37.66 14.47 -12.53
CA ASP B 15 -37.84 14.75 -13.95
C ASP B 15 -38.63 13.61 -14.58
N PRO B 16 -39.75 13.87 -15.21
CA PRO B 16 -40.62 12.77 -15.66
C PRO B 16 -39.91 11.91 -16.70
N LYS B 17 -38.87 12.47 -17.31
CA LYS B 17 -38.09 11.69 -18.26
C LYS B 17 -37.16 10.72 -17.53
N HIS B 18 -37.04 10.87 -16.21
CA HIS B 18 -36.07 10.08 -15.46
C HIS B 18 -36.70 9.42 -14.24
N PRO B 19 -37.55 8.43 -14.49
CA PRO B 19 -38.31 7.85 -13.39
C PRO B 19 -37.45 6.99 -12.46
N LEU B 20 -37.52 7.32 -11.18
CA LEU B 20 -36.78 6.65 -10.11
C LEU B 20 -35.48 6.04 -10.58
N PRO B 21 -34.49 6.84 -10.96
CA PRO B 21 -33.21 6.26 -11.36
C PRO B 21 -32.57 5.46 -10.23
N ILE B 22 -31.78 4.43 -10.56
CA ILE B 22 -31.20 3.58 -9.54
C ILE B 22 -29.76 3.96 -9.21
N ARG B 23 -29.46 3.82 -7.93
CA ARG B 23 -28.10 3.73 -7.44
C ARG B 23 -27.48 2.37 -7.75
N LYS B 24 -26.46 2.36 -8.60
CA LYS B 24 -25.84 1.16 -9.13
C LYS B 24 -24.68 0.67 -8.27
N ASP B 25 -24.35 -0.60 -8.42
CA ASP B 25 -23.15 -1.19 -7.83
C ASP B 25 -21.96 -0.49 -8.46
N ILE B 26 -21.08 0.07 -7.65
CA ILE B 26 -20.06 0.93 -8.26
C ILE B 26 -19.08 0.21 -9.16
N ASP B 27 -18.84 -1.08 -8.90
CA ASP B 27 -18.00 -1.88 -9.78
C ASP B 27 -18.72 -2.12 -11.09
N ASP B 28 -20.01 -2.45 -11.03
CA ASP B 28 -20.75 -2.64 -12.27
C ASP B 28 -20.78 -1.34 -13.08
N TRP B 29 -21.07 -0.25 -12.39
CA TRP B 29 -21.15 1.06 -13.05
C TRP B 29 -19.81 1.42 -13.69
N TYR B 30 -18.72 1.21 -12.93
CA TYR B 30 -17.41 1.54 -13.48
C TYR B 30 -17.08 0.66 -14.67
N LEU B 31 -17.38 -0.63 -14.56
CA LEU B 31 -16.96 -1.56 -15.60
C LEU B 31 -17.66 -1.26 -16.92
N GLU B 32 -18.94 -0.90 -16.85
CA GLU B 32 -19.72 -0.58 -18.03
C GLU B 32 -19.19 0.67 -18.72
N GLN B 33 -18.36 1.42 -18.01
CA GLN B 33 -17.69 2.56 -18.63
C GLN B 33 -16.20 2.28 -18.79
N ARG B 40 -18.84 7.29 -21.32
CA ARG B 40 -18.21 7.52 -20.01
C ARG B 40 -18.50 8.92 -19.51
N ILE B 41 -19.64 9.47 -19.92
CA ILE B 41 -20.02 10.79 -19.39
C ILE B 41 -20.34 10.69 -17.92
N GLN B 42 -21.01 9.62 -17.45
CA GLN B 42 -21.37 9.66 -16.03
C GLN B 42 -20.12 9.55 -15.16
N LEU B 43 -19.17 8.72 -15.57
CA LEU B 43 -17.91 8.68 -14.81
C LEU B 43 -17.24 10.05 -14.78
N THR B 44 -17.20 10.70 -15.94
CA THR B 44 -16.57 12.01 -16.04
C THR B 44 -17.25 13.01 -15.13
N LEU B 45 -18.58 13.07 -15.20
CA LEU B 45 -19.36 13.97 -14.36
C LEU B 45 -19.09 13.72 -12.89
N PHE B 46 -19.07 12.45 -12.49
CA PHE B 46 -18.86 12.15 -11.07
C PHE B 46 -17.46 12.56 -10.66
N VAL B 47 -16.45 12.25 -11.47
CA VAL B 47 -15.08 12.63 -11.13
C VAL B 47 -14.92 14.13 -11.09
N GLU B 48 -15.42 14.83 -12.10
CA GLU B 48 -15.24 16.30 -12.17
C GLU B 48 -16.03 17.01 -11.08
N ALA B 49 -17.27 16.60 -10.85
CA ALA B 49 -18.07 17.24 -9.80
C ALA B 49 -17.47 17.01 -8.42
N LEU B 50 -17.08 15.76 -8.13
CA LEU B 50 -16.57 15.46 -6.79
C LEU B 50 -15.22 16.14 -6.59
N THR B 51 -14.42 16.30 -7.65
CA THR B 51 -13.16 17.04 -7.58
C THR B 51 -13.43 18.50 -7.23
N VAL B 52 -14.39 19.12 -7.93
CA VAL B 52 -14.76 20.49 -7.53
C VAL B 52 -15.18 20.53 -6.07
N ILE B 53 -16.03 19.58 -5.65
CA ILE B 53 -16.58 19.64 -4.29
C ILE B 53 -15.46 19.48 -3.28
N GLN B 54 -14.49 18.61 -3.57
CA GLN B 54 -13.38 18.38 -2.65
C GLN B 54 -12.47 19.60 -2.57
N ASN B 55 -12.43 20.36 -3.67
CA ASN B 55 -11.52 21.51 -3.72
C ASN B 55 -12.19 22.80 -3.23
N ARG B 56 -13.47 22.71 -2.86
CA ARG B 56 -14.14 23.91 -2.36
C ARG B 56 -13.51 24.38 -1.05
N PRO B 57 -13.62 25.69 -0.81
CA PRO B 57 -13.13 26.30 0.42
C PRO B 57 -13.87 25.83 1.66
N LEU B 58 -13.21 25.93 2.81
CA LEU B 58 -13.75 25.47 4.08
C LEU B 58 -14.97 26.29 4.52
N ASN B 59 -15.04 27.56 4.10
CA ASN B 59 -16.20 28.39 4.38
C ASN B 59 -17.42 27.95 3.56
N ASP B 60 -17.18 27.15 2.53
CA ASP B 60 -18.29 26.72 1.67
C ASP B 60 -18.94 25.50 2.30
N GLN B 61 -20.19 25.64 2.73
CA GLN B 61 -20.83 24.55 3.46
C GLN B 61 -21.09 23.33 2.59
N LEU B 62 -20.96 23.51 1.28
CA LEU B 62 -21.16 22.36 0.40
C LEU B 62 -19.82 21.81 -0.05
N SER B 63 -18.76 22.21 0.66
CA SER B 63 -17.45 21.62 0.38
C SER B 63 -17.43 20.19 0.89
N TYR B 64 -16.61 19.35 0.28
CA TYR B 64 -16.48 18.00 0.79
C TYR B 64 -16.08 17.99 2.25
N PHE B 65 -15.12 18.86 2.62
CA PHE B 65 -14.72 18.88 4.02
C PHE B 65 -15.90 19.19 4.93
N ARG B 66 -16.70 20.18 4.58
CA ARG B 66 -17.80 20.54 5.46
C ARG B 66 -18.88 19.47 5.49
N LEU B 67 -19.09 18.78 4.37
CA LEU B 67 -20.10 17.73 4.33
C LEU B 67 -19.66 16.53 5.17
N ALA B 68 -18.39 16.15 5.04
CA ALA B 68 -17.82 15.13 5.90
C ALA B 68 -17.88 15.58 7.35
N GLY B 69 -17.67 16.88 7.54
CA GLY B 69 -17.61 17.44 8.87
C GLY B 69 -18.92 17.35 9.62
N ILE B 70 -20.03 17.16 8.94
CA ILE B 70 -21.32 16.98 9.63
C ILE B 70 -21.26 15.76 10.54
N HIS B 71 -20.57 14.72 10.08
CA HIS B 71 -20.58 13.43 10.77
C HIS B 71 -19.91 13.47 12.14
N GLY B 72 -18.74 14.09 12.23
CA GLY B 72 -17.87 14.04 13.38
C GLY B 72 -16.98 15.26 13.51
N ALA B 73 -15.67 15.04 13.66
CA ALA B 73 -14.71 16.13 13.74
C ALA B 73 -14.72 16.97 12.46
N PRO B 74 -14.50 18.28 12.49
CA PRO B 74 -14.19 19.02 13.71
C PRO B 74 -15.37 19.56 14.50
N TRP B 75 -16.58 19.00 14.36
CA TRP B 75 -17.69 19.30 15.24
C TRP B 75 -18.15 20.75 15.20
N THR B 76 -18.19 21.32 14.02
CA THR B 76 -18.66 22.69 13.84
C THR B 76 -20.13 22.67 13.44
N GLU B 77 -20.68 23.89 13.43
CA GLU B 77 -22.01 24.07 12.90
C GLU B 77 -22.07 23.62 11.44
N TRP B 78 -23.30 23.40 10.98
CA TRP B 78 -23.56 23.30 9.56
C TRP B 78 -24.99 23.76 9.28
N ASP B 79 -25.15 24.52 8.20
CA ASP B 79 -26.46 25.02 7.77
C ASP B 79 -27.19 25.68 8.92
N GLY B 80 -26.48 26.47 9.72
CA GLY B 80 -27.04 27.27 10.79
C GLY B 80 -27.32 26.49 12.05
N VAL B 81 -27.05 25.18 11.99
CA VAL B 81 -27.32 24.32 13.15
C VAL B 81 -26.06 24.24 14.00
N PRO B 82 -26.12 24.66 15.25
CA PRO B 82 -24.92 24.67 16.09
C PRO B 82 -24.29 23.29 16.25
N GLY B 83 -22.97 23.29 16.24
CA GLY B 83 -22.16 22.12 16.49
C GLY B 83 -21.69 22.10 17.94
N GLY B 84 -20.54 21.48 18.16
CA GLY B 84 -19.83 21.52 19.42
C GLY B 84 -20.53 20.69 20.48
N GLN B 85 -21.33 19.73 20.02
CA GLN B 85 -21.96 18.83 20.98
C GLN B 85 -21.06 17.65 21.35
N PRO B 92 -16.27 15.18 22.57
CA PRO B 92 -17.32 15.84 21.78
C PRO B 92 -18.04 14.84 20.88
N THR B 93 -19.24 15.21 20.42
CA THR B 93 -20.01 14.34 19.54
C THR B 93 -20.44 15.12 18.30
N GLY B 94 -20.67 14.41 17.21
CA GLY B 94 -21.10 15.02 15.98
C GLY B 94 -22.61 14.96 15.80
N PHE B 95 -23.05 15.26 14.58
CA PHE B 95 -24.48 15.18 14.32
C PHE B 95 -24.89 13.74 14.05
N ALA B 96 -23.91 12.91 13.66
CA ALA B 96 -24.30 11.55 13.28
C ALA B 96 -24.94 10.79 14.44
N VAL B 97 -25.88 9.91 14.10
CA VAL B 97 -26.48 9.00 15.06
C VAL B 97 -25.74 7.66 15.05
N HIS B 98 -25.23 7.27 16.22
CA HIS B 98 -24.61 5.98 16.41
C HIS B 98 -25.22 5.34 17.67
N ASN B 99 -25.38 4.02 17.61
CA ASN B 99 -25.92 3.24 18.71
C ASN B 99 -27.30 3.74 19.13
N ASN B 100 -28.12 4.06 18.11
CA ASN B 100 -29.51 4.38 18.36
C ASN B 100 -30.29 4.02 17.10
N TYR B 101 -31.59 3.96 17.27
CA TYR B 101 -32.47 3.31 16.29
C TYR B 101 -32.71 4.16 15.06
N THR B 102 -32.29 5.41 15.10
CA THR B 102 -32.37 6.30 13.96
C THR B 102 -31.07 6.25 13.15
N PHE B 103 -30.19 5.28 13.48
CA PHE B 103 -28.97 5.11 12.68
C PHE B 103 -29.28 4.99 11.21
N PRO B 104 -30.15 4.07 10.79
CA PRO B 104 -30.39 3.96 9.34
C PRO B 104 -30.97 5.20 8.72
N THR B 105 -31.86 5.91 9.43
CA THR B 105 -32.58 7.01 8.78
C THR B 105 -31.79 8.30 8.77
N TRP B 106 -31.05 8.54 9.85
CA TRP B 106 -30.11 9.66 9.83
C TRP B 106 -29.16 9.51 8.64
N PHE B 107 -28.58 8.34 8.47
CA PHE B 107 -27.67 8.14 7.34
C PHE B 107 -28.38 8.13 6.00
N ARG B 108 -29.62 7.69 5.89
CA ARG B 108 -30.35 7.80 4.62
C ARG B 108 -30.39 9.25 4.15
N VAL B 109 -30.69 10.14 5.10
CA VAL B 109 -30.70 11.55 4.71
C VAL B 109 -29.30 12.07 4.36
N TYR B 110 -28.32 11.72 5.18
CA TYR B 110 -26.93 12.14 4.95
C TYR B 110 -26.43 11.77 3.57
N VAL B 111 -26.70 10.53 3.18
CA VAL B 111 -26.23 10.01 1.90
C VAL B 111 -26.92 10.75 0.75
N THR B 112 -28.21 11.02 0.92
CA THR B 112 -28.98 11.82 -0.04
C THR B 112 -28.44 13.23 -0.16
N LEU B 113 -28.04 13.84 0.96
CA LEU B 113 -27.39 15.15 0.88
C LEU B 113 -26.18 15.13 -0.04
N TYR B 114 -25.29 14.15 0.19
CA TYR B 114 -24.06 14.03 -0.61
C TYR B 114 -24.42 13.87 -2.09
N GLU B 115 -25.38 12.99 -2.34
CA GLU B 115 -25.77 12.71 -3.72
C GLU B 115 -26.33 13.96 -4.41
N GLN B 116 -27.15 14.71 -3.67
CA GLN B 116 -27.72 15.94 -4.20
C GLN B 116 -26.67 16.99 -4.51
N VAL B 117 -25.73 17.14 -3.57
CA VAL B 117 -24.67 18.13 -3.78
C VAL B 117 -23.85 17.77 -5.02
N ILE B 118 -23.52 16.48 -5.17
CA ILE B 118 -22.81 16.04 -6.35
C ILE B 118 -23.59 16.34 -7.62
N TYR B 119 -24.87 16.00 -7.63
CA TYR B 119 -25.70 16.28 -8.80
C TYR B 119 -25.71 17.76 -9.12
N GLU B 120 -25.88 18.60 -8.08
CA GLU B 120 -25.85 20.04 -8.40
C GLU B 120 -24.51 20.48 -8.96
N ALA B 121 -23.43 19.89 -8.47
CA ALA B 121 -22.11 20.23 -9.01
C ALA B 121 -21.95 19.72 -10.44
N MET B 122 -22.56 18.59 -10.76
CA MET B 122 -22.56 18.12 -12.14
C MET B 122 -23.24 19.14 -13.04
N LEU B 123 -24.40 19.64 -12.63
CA LEU B 123 -25.09 20.65 -13.44
C LEU B 123 -24.23 21.90 -13.67
N ASP B 124 -23.52 22.32 -12.63
CA ASP B 124 -22.67 23.50 -12.77
C ASP B 124 -21.51 23.17 -13.72
N PHE B 125 -20.95 21.97 -13.56
CA PHE B 125 -19.86 21.59 -14.47
C PHE B 125 -20.30 21.65 -15.93
N ILE B 126 -21.48 21.11 -16.24
CA ILE B 126 -21.98 21.17 -17.61
C ILE B 126 -22.14 22.60 -18.09
N LYS B 127 -22.74 23.45 -17.27
CA LYS B 127 -22.93 24.85 -17.65
C LYS B 127 -21.61 25.55 -17.94
N GLN B 128 -20.55 25.20 -17.21
CA GLN B 128 -19.29 25.90 -17.44
C GLN B 128 -18.41 25.25 -18.50
N ASN B 129 -18.66 23.99 -18.88
CA ASN B 129 -17.65 23.28 -19.66
C ASN B 129 -18.16 22.65 -20.95
N VAL B 130 -19.44 22.29 -21.02
CA VAL B 130 -19.92 21.46 -22.11
C VAL B 130 -20.49 22.32 -23.24
N PRO B 131 -20.08 22.05 -24.48
CA PRO B 131 -20.54 22.90 -25.58
C PRO B 131 -22.03 22.69 -25.80
N GLN B 132 -22.61 23.56 -26.61
CA GLN B 132 -24.04 23.53 -26.85
C GLN B 132 -24.48 22.17 -27.40
N ASN B 133 -23.71 21.66 -28.36
CA ASN B 133 -24.07 20.41 -29.04
C ASN B 133 -24.26 19.28 -28.04
N GLY B 134 -23.51 19.29 -26.94
CA GLY B 134 -23.63 18.20 -26.00
C GLY B 134 -24.37 18.49 -24.72
N LYS B 135 -24.81 19.72 -24.48
CA LYS B 135 -25.40 20.01 -23.17
C LYS B 135 -26.60 19.15 -22.85
N ALA B 136 -27.58 18.97 -23.74
CA ALA B 136 -28.74 18.16 -23.32
C ALA B 136 -28.37 16.73 -23.00
N ASP B 137 -27.39 16.20 -23.73
CA ASP B 137 -26.90 14.84 -23.51
C ASP B 137 -26.16 14.70 -22.19
N TRP B 138 -25.34 15.70 -21.83
CA TRP B 138 -24.71 15.68 -20.51
C TRP B 138 -25.72 15.90 -19.39
N GLU B 139 -26.69 16.79 -19.57
CA GLU B 139 -27.70 16.98 -18.52
C GLU B 139 -28.53 15.72 -18.32
N ASN B 140 -28.85 15.03 -19.42
CA ASN B 140 -29.56 13.76 -19.30
C ASN B 140 -28.79 12.78 -18.43
N GLU B 141 -27.45 12.79 -18.54
CA GLU B 141 -26.70 11.81 -17.76
C GLU B 141 -26.65 12.23 -16.30
N ALA B 142 -26.55 13.54 -16.08
CA ALA B 142 -26.55 14.00 -14.68
C ALA B 142 -27.87 13.59 -14.03
N LYS B 143 -28.98 13.71 -14.76
CA LYS B 143 -30.29 13.42 -14.23
C LYS B 143 -30.52 11.93 -14.04
N GLN B 144 -29.78 11.11 -14.79
CA GLN B 144 -29.96 9.67 -14.63
C GLN B 144 -28.98 9.10 -13.61
N TRP B 145 -27.91 9.83 -13.32
CA TRP B 145 -26.92 9.40 -12.34
C TRP B 145 -27.46 9.39 -10.92
N ARG B 146 -27.10 8.33 -10.17
CA ARG B 146 -27.33 8.38 -8.73
C ARG B 146 -26.08 7.90 -8.04
N LEU B 147 -25.92 8.16 -6.75
CA LEU B 147 -24.68 7.73 -6.09
C LEU B 147 -24.49 6.22 -6.13
N PRO B 148 -23.42 5.70 -6.71
CA PRO B 148 -23.22 4.25 -6.65
C PRO B 148 -23.01 3.74 -5.23
N TYR B 149 -23.36 2.46 -5.02
CA TYR B 149 -23.03 1.84 -3.74
C TYR B 149 -21.90 0.85 -3.90
N TRP B 150 -21.13 0.70 -2.82
CA TRP B 150 -20.15 -0.37 -2.71
C TRP B 150 -20.78 -1.61 -2.08
N ASP B 151 -20.89 -2.69 -2.86
CA ASP B 151 -21.43 -3.92 -2.29
C ASP B 151 -20.33 -4.69 -1.58
N PHE B 152 -20.10 -4.32 -0.33
CA PHE B 152 -19.01 -4.94 0.41
C PHE B 152 -19.20 -6.43 0.65
N ALA B 153 -20.39 -6.97 0.45
CA ALA B 153 -20.65 -8.38 0.74
C ALA B 153 -20.75 -9.26 -0.50
N ARG B 154 -20.62 -8.67 -1.68
CA ARG B 154 -20.72 -9.39 -2.93
C ARG B 154 -19.32 -9.77 -3.40
N PHE B 155 -19.18 -10.98 -3.94
CA PHE B 155 -17.86 -11.30 -4.49
C PHE B 155 -17.51 -10.39 -5.67
N ALA B 156 -16.26 -9.94 -5.71
CA ALA B 156 -15.90 -9.04 -6.80
C ALA B 156 -15.85 -9.78 -8.12
N ARG B 157 -15.89 -9.07 -9.24
CA ARG B 157 -15.54 -9.75 -10.49
C ARG B 157 -14.09 -9.43 -10.88
N ASP B 166 -14.15 -14.96 -5.99
CA ASP B 166 -13.78 -15.73 -4.82
C ASP B 166 -13.56 -14.84 -3.61
N GLU B 167 -13.55 -13.52 -3.80
CA GLU B 167 -13.31 -12.72 -2.59
C GLU B 167 -14.06 -11.40 -2.60
N LEU B 168 -14.31 -10.92 -1.39
CA LEU B 168 -14.82 -9.56 -1.22
C LEU B 168 -13.74 -8.54 -1.51
N ARG B 169 -14.08 -7.38 -2.04
CA ARG B 169 -13.05 -6.39 -2.32
C ARG B 169 -13.59 -4.97 -2.24
N LEU B 170 -12.69 -4.05 -1.97
CA LEU B 170 -12.97 -2.63 -2.17
C LEU B 170 -13.29 -2.36 -3.63
N PRO B 171 -14.06 -1.34 -3.93
CA PRO B 171 -14.38 -1.03 -5.33
C PRO B 171 -13.12 -0.86 -6.17
N ILE B 172 -13.16 -1.35 -7.41
CA ILE B 172 -12.07 -1.08 -8.33
C ILE B 172 -11.65 0.39 -8.33
N LEU B 173 -12.64 1.28 -8.48
CA LEU B 173 -12.36 2.70 -8.58
C LEU B 173 -11.61 3.25 -7.39
N VAL B 174 -11.94 2.71 -6.22
CA VAL B 174 -11.29 3.20 -4.98
C VAL B 174 -9.82 2.83 -4.98
N THR B 175 -9.44 1.80 -5.75
CA THR B 175 -8.06 1.36 -5.76
C THR B 175 -7.22 1.98 -6.89
N MET B 176 -7.79 2.94 -7.60
CA MET B 176 -7.12 3.63 -8.70
C MET B 176 -6.67 5.04 -8.35
N PRO B 177 -5.38 5.32 -8.27
CA PRO B 177 -4.95 6.71 -7.99
C PRO B 177 -5.42 7.71 -9.05
N MET B 178 -5.49 7.32 -10.31
CA MET B 178 -5.93 8.22 -11.38
C MET B 178 -7.13 7.62 -12.12
N VAL B 179 -7.83 8.47 -12.87
CA VAL B 179 -8.98 8.01 -13.66
C VAL B 179 -9.04 8.83 -14.94
N LYS B 180 -9.31 8.17 -16.06
CA LYS B 180 -9.41 8.88 -17.33
C LYS B 180 -10.83 9.40 -17.50
N VAL B 181 -10.94 10.67 -17.89
CA VAL B 181 -12.23 11.32 -18.07
C VAL B 181 -12.29 11.93 -19.46
N LEU B 182 -13.50 12.19 -19.90
CA LEU B 182 -13.72 12.86 -21.18
C LEU B 182 -13.40 14.35 -21.05
N VAL B 183 -13.07 14.99 -22.16
CA VAL B 183 -12.88 16.43 -22.16
C VAL B 183 -13.92 17.03 -23.09
N PRO B 184 -14.93 17.70 -22.55
CA PRO B 184 -16.05 18.12 -23.37
C PRO B 184 -15.58 19.00 -24.52
N GLY B 185 -16.06 18.71 -25.74
CA GLY B 185 -15.65 19.53 -26.87
C GLY B 185 -14.42 19.01 -27.56
N GLN B 186 -13.71 18.06 -26.96
CA GLN B 186 -12.56 17.44 -27.61
C GLN B 186 -12.84 15.95 -27.83
N PRO B 187 -13.69 15.66 -28.82
CA PRO B 187 -14.11 14.28 -29.06
C PRO B 187 -12.94 13.30 -29.11
N GLY B 188 -13.03 12.23 -28.32
CA GLY B 188 -12.03 11.18 -28.30
C GLY B 188 -10.95 11.48 -27.27
N LYS B 189 -10.80 12.78 -27.01
CA LYS B 189 -9.87 13.27 -26.01
C LYS B 189 -10.18 12.71 -24.63
N GLN B 190 -9.16 12.11 -24.01
CA GLN B 190 -9.34 11.71 -22.62
C GLN B 190 -8.15 12.18 -21.81
N LEU B 191 -8.37 12.53 -20.55
CA LEU B 191 -7.24 12.98 -19.74
C LEU B 191 -7.21 12.18 -18.45
N SER B 192 -6.02 11.79 -18.01
CA SER B 192 -5.95 11.11 -16.72
C SER B 192 -5.82 12.15 -15.61
N LYS B 193 -6.69 12.05 -14.61
CA LYS B 193 -6.73 12.97 -13.50
C LYS B 193 -6.72 12.28 -12.14
N PRO B 194 -6.27 12.95 -11.11
CA PRO B 194 -6.32 12.35 -9.76
C PRO B 194 -7.75 11.93 -9.46
N ASN B 195 -7.90 10.71 -8.95
CA ASN B 195 -9.21 10.12 -8.69
C ASN B 195 -9.74 10.57 -7.34
N PRO B 196 -10.81 11.36 -7.33
CA PRO B 196 -11.30 11.87 -6.04
C PRO B 196 -11.95 10.77 -5.20
N LEU B 197 -12.12 9.55 -5.70
CA LEU B 197 -12.56 8.44 -4.85
C LEU B 197 -11.44 7.70 -4.15
N TYR B 198 -10.19 7.99 -4.52
CA TYR B 198 -9.04 7.24 -4.01
C TYR B 198 -8.66 7.70 -2.61
N ARG B 199 -8.73 9.02 -2.44
CA ARG B 199 -8.44 9.67 -1.17
C ARG B 199 -9.10 11.05 -1.17
N PHE B 200 -9.23 11.62 0.02
CA PHE B 200 -9.48 13.05 0.14
C PHE B 200 -8.21 13.70 0.66
N GLN B 201 -7.68 14.63 -0.12
CA GLN B 201 -6.47 15.36 0.22
C GLN B 201 -6.76 16.84 0.43
N MET B 202 -6.25 17.42 1.50
CA MET B 202 -6.25 18.85 1.74
C MET B 202 -4.89 19.45 1.44
N GLN B 203 -4.79 20.77 1.53
CA GLN B 203 -3.57 21.46 1.08
C GLN B 203 -2.53 21.49 2.19
N THR B 204 -2.99 21.15 3.39
CA THR B 204 -2.11 21.11 4.55
C THR B 204 -2.54 20.02 5.52
N LEU B 205 -1.75 19.79 6.58
CA LEU B 205 -2.19 18.86 7.61
C LEU B 205 -3.51 19.27 8.24
N MET B 206 -4.39 18.29 8.49
CA MET B 206 -5.72 18.70 8.94
C MET B 206 -5.67 19.29 10.35
N GLY B 207 -4.57 19.01 11.05
CA GLY B 207 -4.37 19.55 12.38
C GLY B 207 -4.13 21.05 12.36
N THR B 208 -3.76 21.57 11.19
CA THR B 208 -3.35 22.98 11.13
C THR B 208 -4.31 23.79 10.27
N LEU B 209 -5.51 23.28 10.00
CA LEU B 209 -6.48 24.04 9.23
C LEU B 209 -6.91 25.31 9.95
N GLU B 210 -7.41 26.29 9.21
CA GLU B 210 -7.86 27.52 9.86
C GLU B 210 -8.95 27.20 10.88
N ARG B 211 -8.92 27.90 12.00
CA ARG B 211 -9.98 27.81 13.00
C ARG B 211 -11.35 28.09 12.41
N PRO B 212 -12.42 27.41 12.81
CA PRO B 212 -12.46 26.34 13.79
C PRO B 212 -12.34 24.94 13.22
N TYR B 213 -11.69 24.77 12.06
CA TYR B 213 -11.85 23.52 11.33
C TYR B 213 -10.76 22.50 11.60
N ALA B 214 -9.74 22.82 12.40
CA ALA B 214 -8.68 21.87 12.62
C ALA B 214 -9.18 20.58 13.29
N ILE B 215 -8.67 19.49 12.74
CA ILE B 215 -8.89 18.13 13.19
C ILE B 215 -7.83 17.82 14.26
N THR B 216 -8.24 17.82 15.52
CA THR B 216 -7.25 17.52 16.57
C THR B 216 -7.99 17.12 17.83
N LEU B 229 -4.77 8.37 17.67
CA LEU B 229 -4.18 8.24 16.34
C LEU B 229 -3.85 9.59 15.76
N PRO B 230 -2.74 9.72 15.05
CA PRO B 230 -2.26 11.05 14.61
C PRO B 230 -3.02 11.66 13.45
N PHE B 231 -4.36 11.70 13.53
CA PHE B 231 -5.18 12.21 12.44
C PHE B 231 -4.93 13.70 12.22
N ASP B 232 -4.49 14.39 13.27
CA ASP B 232 -4.11 15.79 13.16
C ASP B 232 -2.92 15.95 12.23
N LYS B 233 -2.20 14.84 12.02
CA LYS B 233 -0.93 14.91 11.28
C LYS B 233 -1.13 14.41 9.86
N CYS B 234 -2.39 14.14 9.50
CA CYS B 234 -2.73 13.72 8.15
C CYS B 234 -3.19 14.88 7.26
N GLN B 235 -2.67 14.93 6.05
CA GLN B 235 -3.19 15.83 5.03
C GLN B 235 -4.23 15.11 4.17
N SER B 236 -4.01 13.80 4.00
CA SER B 236 -4.92 12.96 3.24
C SER B 236 -5.42 11.79 4.06
N THR B 237 -6.60 11.31 3.64
CA THR B 237 -7.15 10.10 4.24
C THR B 237 -6.28 8.92 3.83
N THR B 238 -6.27 7.89 4.70
CA THR B 238 -5.39 6.75 4.50
C THR B 238 -6.09 5.47 4.95
N LYS B 239 -5.72 4.36 4.32
CA LYS B 239 -6.15 3.03 4.73
C LYS B 239 -4.93 2.22 5.17
N TYR B 240 -4.90 1.84 6.44
CA TYR B 240 -3.81 1.13 7.09
C TYR B 240 -2.49 1.88 7.04
N GLY B 241 -2.51 3.18 6.76
CA GLY B 241 -1.30 3.95 6.55
C GLY B 241 -0.57 4.44 7.76
N LEU B 242 -1.22 4.48 8.92
CA LEU B 242 -0.65 5.08 10.13
C LEU B 242 -0.12 3.98 11.04
N LEU B 243 1.21 3.92 11.13
CA LEU B 243 1.89 3.00 12.02
C LEU B 243 2.85 3.77 12.92
N GLU B 244 2.96 3.32 14.17
CA GLU B 244 3.97 3.86 15.08
C GLU B 244 5.38 3.56 14.57
N ASN B 245 6.33 4.44 14.86
CA ASN B 245 7.72 4.11 14.61
C ASN B 245 8.13 4.43 13.18
N TYR B 246 7.35 5.27 12.52
CA TYR B 246 7.73 5.83 11.22
C TYR B 246 7.76 7.34 11.35
N ASN B 247 8.54 8.01 10.51
CA ASN B 247 8.58 9.47 10.58
C ASN B 247 7.18 10.05 10.45
N ALA B 248 6.89 11.05 11.27
CA ALA B 248 5.58 11.67 11.34
C ALA B 248 5.19 12.24 9.98
N ASP B 249 6.18 12.53 9.13
CA ASP B 249 5.77 13.08 7.83
C ASP B 249 5.18 12.00 6.93
N VAL B 250 5.47 10.74 7.24
CA VAL B 250 4.83 9.66 6.49
C VAL B 250 3.34 9.65 6.75
N TRP B 251 2.92 10.07 7.94
CA TRP B 251 1.48 10.10 8.24
C TRP B 251 0.74 11.18 7.48
N ALA B 252 1.45 12.15 6.89
CA ALA B 252 0.73 13.16 6.12
C ALA B 252 -0.15 12.48 5.05
N ASP B 253 0.41 11.48 4.41
CA ASP B 253 -0.37 10.65 3.49
C ASP B 253 0.17 9.23 3.57
N GLY B 254 -0.49 8.42 4.41
CA GLY B 254 -0.07 7.06 4.64
C GLY B 254 -0.40 6.12 3.50
N GLY B 255 -1.05 6.61 2.44
CA GLY B 255 -1.33 5.78 1.30
C GLY B 255 -2.62 4.98 1.44
N GLN B 256 -2.95 4.23 0.39
CA GLN B 256 -4.18 3.43 0.38
C GLN B 256 -3.79 1.96 0.29
N ASN B 257 -3.67 1.29 1.44
CA ASN B 257 -3.27 -0.11 1.39
C ASN B 257 -4.51 -0.98 1.13
N TRP B 258 -4.94 -0.88 -0.13
CA TRP B 258 -6.21 -1.48 -0.47
C TRP B 258 -6.12 -3.00 -0.45
N LEU B 259 -4.90 -3.53 -0.67
CA LEU B 259 -4.75 -4.97 -0.58
C LEU B 259 -4.94 -5.46 0.86
N ARG B 260 -4.41 -4.68 1.80
CA ARG B 260 -4.58 -5.02 3.22
C ARG B 260 -6.04 -4.90 3.64
N ALA B 261 -6.71 -3.88 3.13
CA ALA B 261 -8.14 -3.70 3.40
C ALA B 261 -8.95 -4.88 2.89
N ASN B 262 -8.63 -5.31 1.67
CA ASN B 262 -9.32 -6.46 1.09
C ASN B 262 -9.11 -7.68 1.98
N LEU B 263 -7.89 -7.84 2.48
CA LEU B 263 -7.63 -9.02 3.30
C LEU B 263 -8.52 -9.02 4.53
N ALA B 264 -8.60 -7.85 5.18
CA ALA B 264 -9.46 -7.71 6.36
C ALA B 264 -10.93 -7.98 6.04
N LEU B 265 -11.37 -7.44 4.91
CA LEU B 265 -12.76 -7.64 4.46
C LEU B 265 -13.14 -9.10 4.27
N ASN B 266 -12.14 -9.93 4.00
CA ASN B 266 -12.31 -11.36 3.81
C ASN B 266 -12.04 -12.14 5.08
N GLU B 267 -12.11 -11.49 6.24
CA GLU B 267 -11.95 -12.20 7.51
C GLU B 267 -12.85 -13.43 7.58
N HIS B 268 -12.25 -14.50 8.09
CA HIS B 268 -12.95 -15.75 8.33
C HIS B 268 -12.18 -16.51 9.41
N PRO B 269 -12.76 -17.59 9.93
CA PRO B 269 -12.02 -18.37 10.93
C PRO B 269 -10.65 -18.82 10.45
N TRP B 270 -9.73 -18.88 11.39
CA TRP B 270 -8.34 -19.26 11.13
C TRP B 270 -8.25 -20.66 10.53
N TYR B 271 -9.08 -21.60 10.99
CA TYR B 271 -8.89 -22.99 10.56
C TYR B 271 -9.12 -23.13 9.06
N GLN B 272 -9.85 -22.18 8.48
CA GLN B 272 -10.18 -22.25 7.06
C GLN B 272 -8.99 -21.96 6.17
N ASN B 273 -7.86 -21.54 6.74
CA ASN B 273 -6.67 -21.39 5.91
C ASN B 273 -5.82 -22.64 5.93
N LEU B 274 -6.30 -23.67 6.65
CA LEU B 274 -5.62 -24.97 6.63
C LEU B 274 -6.03 -25.76 5.41
N ASP B 275 -5.12 -26.59 4.91
CA ASP B 275 -5.48 -27.47 3.81
C ASP B 275 -6.66 -28.37 4.19
N GLY B 276 -7.55 -28.62 3.23
CA GLY B 276 -8.62 -29.58 3.44
C GLY B 276 -9.88 -28.94 4.02
N TRP B 277 -9.96 -27.62 4.02
CA TRP B 277 -11.11 -26.87 4.49
C TRP B 277 -11.48 -25.70 3.59
N ASP B 278 -12.78 -25.48 3.38
CA ASP B 278 -13.21 -24.38 2.52
C ASP B 278 -13.53 -23.14 3.33
N SER B 279 -13.27 -21.96 2.76
CA SER B 279 -13.53 -20.74 3.51
C SER B 279 -14.84 -20.10 3.05
N VAL B 280 -15.39 -19.31 3.96
CA VAL B 280 -16.55 -18.47 3.71
C VAL B 280 -16.25 -17.10 4.31
N PRO B 281 -16.37 -16.00 3.57
CA PRO B 281 -16.12 -14.70 4.22
C PRO B 281 -17.21 -14.44 5.26
N THR B 282 -16.77 -14.20 6.47
CA THR B 282 -17.70 -13.92 7.57
C THR B 282 -18.60 -12.74 7.26
N LEU B 283 -18.09 -11.70 6.61
CA LEU B 283 -18.91 -10.53 6.25
C LEU B 283 -20.06 -10.94 5.35
N GLN B 284 -19.83 -11.88 4.42
CA GLN B 284 -20.93 -12.27 3.55
C GLN B 284 -21.97 -13.12 4.28
N ASP B 285 -21.50 -14.02 5.14
CA ASP B 285 -22.36 -14.82 6.00
C ASP B 285 -23.21 -13.92 6.89
N MET B 286 -22.59 -12.97 7.59
CA MET B 286 -23.32 -11.99 8.38
C MET B 286 -24.39 -11.25 7.59
N THR B 287 -24.02 -10.78 6.39
CA THR B 287 -24.96 -9.98 5.59
C THR B 287 -26.12 -10.86 5.14
N PHE B 288 -25.81 -12.10 4.76
CA PHE B 288 -26.90 -12.99 4.36
C PHE B 288 -27.84 -13.28 5.51
N ARG B 289 -27.28 -13.56 6.69
CA ARG B 289 -28.10 -13.73 7.90
C ARG B 289 -28.94 -12.48 8.14
N LEU B 290 -28.35 -11.31 8.03
CA LEU B 290 -29.06 -10.05 8.31
C LEU B 290 -30.30 -9.92 7.45
N LEU B 291 -30.12 -10.19 6.16
CA LEU B 291 -31.22 -10.01 5.21
C LEU B 291 -32.26 -11.11 5.29
N THR B 292 -31.89 -12.31 5.71
CA THR B 292 -32.77 -13.47 5.61
C THR B 292 -33.48 -13.79 6.91
N THR B 293 -32.83 -13.54 8.04
CA THR B 293 -33.47 -13.82 9.32
C THR B 293 -34.78 -13.07 9.47
N GLY B 294 -35.87 -13.79 9.75
CA GLY B 294 -37.16 -13.14 9.98
C GLY B 294 -37.35 -12.79 11.44
N GLY B 295 -38.35 -11.96 11.70
CA GLY B 295 -38.88 -11.79 13.04
C GLY B 295 -38.22 -10.72 13.87
N LEU B 296 -37.22 -10.00 13.34
CA LEU B 296 -36.64 -8.91 14.11
C LEU B 296 -37.56 -7.70 14.09
N ASN B 297 -37.63 -6.99 15.22
CA ASN B 297 -38.32 -5.70 15.13
C ASN B 297 -37.31 -4.64 14.66
N TRP B 298 -37.80 -3.45 14.36
CA TRP B 298 -36.94 -2.38 13.91
C TRP B 298 -35.81 -2.12 14.89
N GLY B 299 -36.07 -2.09 16.19
CA GLY B 299 -35.03 -1.76 17.16
C GLY B 299 -33.91 -2.78 17.17
N GLU B 300 -34.23 -4.04 16.89
CA GLU B 300 -33.25 -5.11 16.79
C GLU B 300 -32.39 -4.93 15.55
N PHE B 301 -33.03 -4.69 14.41
CA PHE B 301 -32.32 -4.63 13.13
C PHE B 301 -31.46 -3.38 12.99
N SER B 302 -31.98 -2.24 13.45
CA SER B 302 -31.48 -0.94 13.05
C SER B 302 -30.15 -0.54 13.68
N SER B 303 -29.81 -1.15 14.81
CA SER B 303 -28.77 -0.61 15.67
C SER B 303 -28.13 -1.68 16.55
N THR B 304 -26.91 -1.33 16.98
CA THR B 304 -26.28 -2.07 18.06
C THR B 304 -26.92 -1.80 19.41
N ARG B 305 -27.74 -0.77 19.53
CA ARG B 305 -28.21 -0.35 20.85
C ARG B 305 -28.95 -1.47 21.57
N TYR B 306 -28.62 -1.67 22.83
CA TYR B 306 -29.29 -2.65 23.68
C TYR B 306 -29.58 -2.06 25.05
N ASP B 307 -30.86 -2.04 25.36
CA ASP B 307 -31.35 -1.36 26.54
C ASP B 307 -32.18 -2.30 27.40
N ALA B 321 -33.57 -12.14 22.72
CA ALA B 321 -32.89 -13.34 22.32
C ALA B 321 -31.68 -13.01 21.44
N PRO B 322 -30.55 -13.61 21.80
CA PRO B 322 -29.33 -13.42 21.03
C PRO B 322 -29.50 -13.73 19.54
N LYS B 323 -30.48 -14.54 19.18
CA LYS B 323 -30.68 -14.87 17.77
C LYS B 323 -30.90 -13.60 16.96
N ASN B 324 -31.36 -12.56 17.65
CA ASN B 324 -31.78 -11.36 16.95
C ASN B 324 -30.78 -10.22 17.08
N TRP B 325 -29.56 -10.55 17.52
CA TRP B 325 -28.53 -9.55 17.73
C TRP B 325 -27.68 -9.30 16.48
N MET B 326 -27.94 -10.00 15.39
CA MET B 326 -27.29 -9.66 14.12
C MET B 326 -27.99 -8.42 13.52
N ASN B 327 -27.29 -7.29 13.58
CA ASN B 327 -27.92 -6.04 13.22
C ASN B 327 -27.07 -5.26 12.22
N LEU B 328 -27.74 -4.31 11.60
CA LEU B 328 -27.17 -3.56 10.49
C LEU B 328 -25.94 -2.78 10.95
N GLU B 329 -26.05 -2.18 12.12
CA GLU B 329 -25.01 -1.26 12.56
C GLU B 329 -23.74 -2.01 12.93
N ALA B 330 -23.91 -3.20 13.53
CA ALA B 330 -22.75 -4.02 13.90
C ALA B 330 -21.96 -4.44 12.66
N ILE B 331 -22.67 -4.89 11.63
CA ILE B 331 -21.97 -5.25 10.38
C ILE B 331 -21.27 -4.02 9.80
N HIS B 332 -21.97 -2.89 9.78
CA HIS B 332 -21.39 -1.64 9.30
C HIS B 332 -20.14 -1.25 10.09
N ASN B 333 -20.16 -1.50 11.39
CA ASN B 333 -19.02 -1.17 12.25
C ASN B 333 -17.80 -2.03 11.89
N ASN B 334 -18.02 -3.33 11.69
CA ASN B 334 -16.90 -4.17 11.27
C ASN B 334 -16.32 -3.69 9.95
N VAL B 335 -17.18 -3.30 9.00
CA VAL B 335 -16.64 -2.89 7.70
C VAL B 335 -15.79 -1.63 7.85
N HIS B 336 -16.23 -0.67 8.67
CA HIS B 336 -15.40 0.51 8.96
C HIS B 336 -14.00 0.10 9.39
N ASN B 337 -13.94 -0.82 10.36
CA ASN B 337 -12.66 -1.32 10.84
C ASN B 337 -11.83 -1.93 9.72
N TRP B 338 -12.45 -2.83 8.97
CA TRP B 338 -11.70 -3.61 8.00
C TRP B 338 -11.20 -2.73 6.86
N VAL B 339 -11.93 -1.69 6.50
CA VAL B 339 -11.44 -0.78 5.46
C VAL B 339 -10.29 0.08 5.93
N GLY B 340 -10.41 0.64 7.13
CA GLY B 340 -9.44 1.65 7.54
C GLY B 340 -8.25 1.11 8.31
N GLY B 341 -8.47 0.06 9.11
CA GLY B 341 -7.51 -0.37 10.10
C GLY B 341 -7.57 0.48 11.36
N PHE B 342 -7.41 -0.13 12.55
CA PHE B 342 -7.49 0.73 13.74
C PHE B 342 -6.26 0.60 14.62
N MET B 343 -5.40 -0.39 14.39
CA MET B 343 -4.25 -0.58 15.28
C MET B 343 -3.01 0.13 14.73
N PHE B 344 -2.54 1.06 15.54
CA PHE B 344 -1.38 1.88 15.21
C PHE B 344 -0.08 1.14 15.45
N SER B 345 -0.14 0.18 16.38
CA SER B 345 1.08 -0.48 16.81
C SER B 345 0.80 -1.92 17.21
N ARG B 346 1.87 -2.67 17.45
CA ARG B 346 1.79 -3.99 18.06
C ARG B 346 3.03 -4.19 18.90
N PRO B 347 2.90 -4.83 20.05
CA PRO B 347 4.07 -5.05 20.91
C PRO B 347 5.09 -5.99 20.27
N GLY B 348 6.33 -5.97 20.73
CA GLY B 348 7.30 -6.96 20.32
C GLY B 348 7.92 -6.68 18.97
N ARG B 349 8.50 -7.70 18.37
CA ARG B 349 9.24 -7.61 17.12
C ARG B 349 8.55 -8.42 16.01
N HIS B 350 8.21 -7.75 14.91
CA HIS B 350 7.49 -8.36 13.81
C HIS B 350 8.01 -7.86 12.48
N ASP B 351 8.53 -8.77 11.64
CA ASP B 351 8.92 -8.33 10.30
C ASP B 351 7.72 -7.99 9.44
N LEU B 352 6.78 -8.92 9.34
CA LEU B 352 5.53 -8.64 8.65
C LEU B 352 4.57 -7.89 9.56
N LYS B 353 4.22 -6.67 9.16
CA LYS B 353 3.43 -5.76 9.96
C LYS B 353 2.02 -5.64 9.40
N LEU B 354 1.12 -6.37 10.03
CA LEU B 354 -0.24 -6.57 9.54
C LEU B 354 -1.17 -5.50 10.09
N TRP B 355 -0.62 -4.64 10.96
CA TRP B 355 -1.41 -3.55 11.52
C TRP B 355 -1.29 -2.32 10.64
N GLY B 356 -1.73 -1.20 11.19
CA GLY B 356 -1.81 0.08 10.51
C GLY B 356 -3.22 0.63 10.66
N ALA B 357 -3.30 1.95 10.86
CA ALA B 357 -4.59 2.57 11.10
C ALA B 357 -4.94 3.58 10.01
N GLY B 358 -6.22 3.87 9.89
CA GLY B 358 -6.73 4.73 8.85
C GLY B 358 -8.11 5.27 9.20
N HIS B 359 -8.52 6.27 8.42
CA HIS B 359 -9.65 7.10 8.80
C HIS B 359 -10.94 6.30 8.96
N MET B 360 -11.16 5.29 8.13
CA MET B 360 -12.47 4.62 8.18
C MET B 360 -12.75 3.93 9.49
N SER B 361 -11.71 3.63 10.29
CA SER B 361 -11.98 2.91 11.53
C SER B 361 -12.40 3.87 12.64
N SER B 362 -12.33 5.17 12.40
CA SER B 362 -12.38 6.18 13.46
C SER B 362 -13.63 7.06 13.31
N VAL B 363 -14.55 6.97 14.26
CA VAL B 363 -15.78 7.75 14.17
C VAL B 363 -15.53 9.20 13.87
N PRO B 364 -14.62 9.90 14.56
CA PRO B 364 -14.48 11.33 14.31
C PRO B 364 -14.05 11.71 12.91
N VAL B 365 -13.36 10.81 12.20
CA VAL B 365 -12.82 11.24 10.92
C VAL B 365 -13.15 10.31 9.77
N ALA B 366 -13.98 9.29 9.99
CA ALA B 366 -14.26 8.31 8.95
C ALA B 366 -14.89 8.94 7.71
N ALA B 367 -15.73 9.96 7.87
CA ALA B 367 -16.47 10.53 6.75
C ALA B 367 -15.54 11.19 5.73
N TYR B 368 -14.29 11.49 6.06
CA TYR B 368 -13.40 12.10 5.07
C TYR B 368 -12.96 11.10 4.01
N ASP B 369 -12.95 9.80 4.33
CA ASP B 369 -12.54 8.87 3.27
C ASP B 369 -13.64 8.77 2.23
N PRO B 370 -13.38 9.01 0.96
CA PRO B 370 -14.46 8.91 -0.02
C PRO B 370 -15.20 7.59 -0.02
N ILE B 371 -14.58 6.49 0.43
CA ILE B 371 -15.32 5.23 0.43
C ILE B 371 -16.43 5.20 1.49
N PHE B 372 -16.30 6.09 2.47
CA PHE B 372 -17.33 6.23 3.52
C PHE B 372 -18.72 6.31 2.92
N TRP B 373 -18.86 7.18 1.93
CA TRP B 373 -20.17 7.45 1.33
C TRP B 373 -20.69 6.24 0.57
N LEU B 374 -19.79 5.47 -0.04
CA LEU B 374 -20.15 4.30 -0.84
C LEU B 374 -20.57 3.16 0.09
N HIS B 375 -19.85 3.08 1.20
CA HIS B 375 -20.21 2.18 2.29
C HIS B 375 -21.61 2.51 2.80
N HIS B 376 -21.85 3.77 3.14
CA HIS B 376 -23.15 4.14 3.68
C HIS B 376 -24.22 4.05 2.62
N CYS B 377 -23.87 4.24 1.34
CA CYS B 377 -24.88 3.98 0.31
C CYS B 377 -25.32 2.52 0.36
N ASN B 378 -24.37 1.58 0.55
CA ASN B 378 -24.83 0.19 0.66
C ASN B 378 -25.57 -0.09 1.97
N ILE B 379 -25.21 0.60 3.05
CA ILE B 379 -25.99 0.40 4.30
C ILE B 379 -27.41 0.90 4.08
N ASP B 380 -27.57 1.97 3.31
CA ASP B 380 -28.93 2.41 2.96
C ASP B 380 -29.67 1.36 2.14
N ARG B 381 -28.96 0.73 1.20
CA ARG B 381 -29.51 -0.32 0.35
C ARG B 381 -29.90 -1.52 1.18
N LEU B 382 -29.02 -1.92 2.12
CA LEU B 382 -29.39 -3.02 3.02
C LEU B 382 -30.63 -2.70 3.84
N THR B 383 -30.72 -1.45 4.30
CA THR B 383 -31.92 -1.02 5.01
C THR B 383 -33.16 -1.15 4.14
N ALA B 384 -33.11 -0.65 2.90
CA ALA B 384 -34.24 -0.78 1.97
C ALA B 384 -34.60 -2.22 1.69
N ILE B 385 -33.57 -3.07 1.56
CA ILE B 385 -33.88 -4.49 1.32
C ILE B 385 -34.60 -5.09 2.52
N TRP B 386 -34.03 -4.85 3.71
CA TRP B 386 -34.63 -5.43 4.91
C TRP B 386 -36.04 -4.86 5.10
N GLN B 387 -36.23 -3.57 4.80
CA GLN B 387 -37.57 -3.00 4.94
C GLN B 387 -38.58 -3.71 4.05
N THR B 388 -38.11 -4.01 2.84
CA THR B 388 -38.95 -4.64 1.83
C THR B 388 -39.41 -6.02 2.28
N VAL B 389 -38.53 -6.78 2.96
CA VAL B 389 -38.94 -8.12 3.37
C VAL B 389 -39.43 -8.17 4.82
N ASN B 390 -39.47 -7.00 5.45
CA ASN B 390 -40.00 -6.83 6.80
C ASN B 390 -40.93 -5.63 6.86
N SER B 391 -41.99 -5.68 6.06
CA SER B 391 -42.77 -4.51 5.71
C SER B 391 -43.43 -3.86 6.91
N GLY B 392 -43.72 -4.63 7.95
CA GLY B 392 -44.41 -4.05 9.10
C GLY B 392 -43.49 -3.56 10.19
N SER B 393 -42.18 -3.70 10.02
CA SER B 393 -41.28 -3.54 11.15
C SER B 393 -40.53 -2.22 11.05
N TRP B 394 -41.26 -1.14 11.34
CA TRP B 394 -40.73 0.21 11.24
C TRP B 394 -40.98 0.93 12.57
N PHE B 395 -39.93 1.16 13.34
CA PHE B 395 -40.06 1.79 14.65
C PHE B 395 -41.22 1.20 15.43
N ASN B 396 -41.34 -0.14 15.41
CA ASN B 396 -42.55 -0.84 15.80
C ASN B 396 -42.45 -1.45 17.19
N ASP B 397 -41.28 -1.29 17.81
CA ASP B 397 -41.07 -1.83 19.15
C ASP B 397 -41.01 -0.71 20.18
N ASP B 398 -41.18 -1.05 21.45
CA ASP B 398 -41.32 -0.01 22.47
C ASP B 398 -40.06 0.83 22.59
N LYS B 399 -38.91 0.23 22.32
CA LYS B 399 -37.66 0.98 22.47
C LYS B 399 -37.44 1.93 21.31
N SER B 400 -37.61 1.46 20.07
CA SER B 400 -37.33 2.40 18.97
C SER B 400 -38.46 3.40 18.79
N LYS B 401 -39.69 3.09 19.20
CA LYS B 401 -40.81 3.98 18.96
C LYS B 401 -40.51 5.38 19.49
N VAL B 402 -39.76 5.42 20.57
CA VAL B 402 -39.40 6.60 21.34
C VAL B 402 -38.53 7.56 20.54
N SER B 403 -37.80 7.03 19.57
CA SER B 403 -36.87 7.80 18.77
C SER B 403 -37.42 8.15 17.40
N LYS B 404 -38.56 7.56 17.03
CA LYS B 404 -39.13 7.71 15.72
C LYS B 404 -39.29 9.17 15.29
N ASP B 405 -39.65 10.00 16.25
CA ASP B 405 -39.96 11.40 15.98
C ASP B 405 -38.78 12.33 16.18
N ASP B 406 -37.58 11.80 16.36
CA ASP B 406 -36.43 12.69 16.57
C ASP B 406 -36.15 13.53 15.33
N ASP B 407 -35.84 14.81 15.52
CA ASP B 407 -35.28 15.61 14.44
C ASP B 407 -33.93 15.05 14.00
N LEU B 408 -33.78 14.83 12.70
CA LEU B 408 -32.49 14.36 12.18
C LEU B 408 -31.63 15.57 11.82
N ARG B 409 -31.16 16.23 12.87
CA ARG B 409 -30.31 17.42 12.72
C ARG B 409 -29.02 16.98 12.04
N PRO B 410 -28.41 17.78 11.18
CA PRO B 410 -28.81 19.15 10.85
C PRO B 410 -29.60 19.30 9.56
N PHE B 411 -30.31 18.27 9.13
CA PHE B 411 -30.85 18.23 7.78
C PHE B 411 -32.20 18.89 7.62
N HIS B 412 -32.23 19.92 6.77
CA HIS B 412 -33.46 20.69 6.63
C HIS B 412 -34.28 20.24 5.42
N ARG B 413 -35.59 20.44 5.57
CA ARG B 413 -36.54 20.29 4.46
C ARG B 413 -37.66 21.29 4.61
N PHE B 414 -38.36 21.59 3.50
CA PHE B 414 -39.51 22.50 3.63
C PHE B 414 -40.75 21.67 3.88
N CYS B 415 -41.43 21.89 5.01
CA CYS B 415 -42.69 21.17 5.25
C CYS B 415 -43.82 21.86 4.47
N GLU B 416 -44.37 21.12 3.52
CA GLU B 416 -45.44 21.58 2.65
C GLU B 416 -46.75 21.71 3.42
N LYS B 417 -46.91 20.89 4.45
CA LYS B 417 -48.18 20.91 5.19
C LYS B 417 -48.22 22.09 6.15
N THR B 418 -47.08 22.44 6.73
CA THR B 418 -47.05 23.53 7.71
C THR B 418 -46.38 24.78 7.14
N ARG B 419 -45.78 24.65 5.95
CA ARG B 419 -45.21 25.85 5.34
C ARG B 419 -44.06 26.38 6.17
N LYS B 420 -43.25 25.48 6.72
CA LYS B 420 -42.11 25.85 7.54
C LYS B 420 -40.89 25.01 7.15
N VAL B 421 -39.69 25.56 7.29
CA VAL B 421 -38.44 24.82 7.13
C VAL B 421 -38.21 24.07 8.43
N VAL B 422 -38.07 22.76 8.29
CA VAL B 422 -38.02 21.89 9.45
C VAL B 422 -36.84 20.94 9.28
N PHE B 423 -36.60 20.11 10.31
CA PHE B 423 -35.67 19.02 10.14
C PHE B 423 -36.38 17.79 9.60
N PHE B 424 -35.62 17.04 8.82
CA PHE B 424 -36.07 15.69 8.50
C PHE B 424 -36.40 14.90 9.76
N ARG B 425 -37.42 14.05 9.61
CA ARG B 425 -37.74 13.02 10.57
C ARG B 425 -37.75 11.66 9.88
N SER B 426 -37.61 10.61 10.68
CA SER B 426 -37.48 9.27 10.12
C SER B 426 -38.62 8.91 9.18
N ASP B 427 -39.85 9.23 9.56
CA ASP B 427 -41.00 8.88 8.73
C ASP B 427 -40.92 9.54 7.36
N ASP B 428 -40.22 10.67 7.23
CA ASP B 428 -40.12 11.35 5.96
C ASP B 428 -39.36 10.50 4.95
N VAL B 429 -38.53 9.58 5.45
CA VAL B 429 -37.69 8.82 4.53
C VAL B 429 -37.95 7.33 4.65
N LYS B 430 -39.11 6.97 5.21
CA LYS B 430 -39.46 5.55 5.29
C LYS B 430 -39.47 4.93 3.91
N ASP B 431 -40.05 5.66 2.97
CA ASP B 431 -39.97 5.27 1.56
C ASP B 431 -38.81 6.03 0.93
N TRP B 432 -37.69 5.34 0.70
CA TRP B 432 -36.50 6.01 0.16
C TRP B 432 -36.79 6.63 -1.20
N ARG B 433 -37.81 6.12 -1.88
CA ARG B 433 -38.16 6.60 -3.21
C ARG B 433 -38.74 8.01 -3.18
N SER B 434 -39.17 8.46 -2.00
CA SER B 434 -39.56 9.87 -1.85
C SER B 434 -38.39 10.80 -2.10
N LEU B 435 -37.16 10.29 -2.01
CA LEU B 435 -35.97 11.05 -2.30
C LEU B 435 -35.50 10.85 -3.74
N ASN B 436 -36.33 10.22 -4.55
CA ASN B 436 -36.11 10.10 -5.98
C ASN B 436 -34.88 9.28 -6.35
N TYR B 437 -34.61 8.23 -5.57
CA TYR B 437 -33.70 7.19 -6.03
C TYR B 437 -34.30 5.82 -5.71
N ASP B 438 -33.76 4.79 -6.33
CA ASP B 438 -34.12 3.42 -5.99
C ASP B 438 -32.88 2.55 -6.13
N TYR B 439 -33.05 1.27 -5.80
CA TYR B 439 -32.07 0.23 -6.06
C TYR B 439 -32.69 -0.83 -6.94
N ALA B 440 -31.87 -1.43 -7.80
CA ALA B 440 -32.40 -2.48 -8.66
C ALA B 440 -33.04 -3.58 -7.83
N ILE B 441 -32.44 -3.86 -6.66
CA ILE B 441 -32.90 -5.04 -5.90
C ILE B 441 -34.26 -4.80 -5.27
N THR B 442 -34.58 -3.54 -5.03
CA THR B 442 -35.88 -3.25 -4.42
C THR B 442 -36.90 -2.93 -5.48
N LYS B 443 -36.54 -3.07 -6.76
CA LYS B 443 -37.56 -2.81 -7.79
C LYS B 443 -38.52 -3.99 -7.89
N ASP B 444 -38.09 -5.16 -7.44
CA ASP B 444 -38.97 -6.32 -7.37
C ASP B 444 -38.55 -7.29 -6.27
N ILE B 448 -36.87 -10.47 -4.74
CA ILE B 448 -35.85 -9.98 -3.81
C ILE B 448 -35.25 -11.10 -2.97
N ARG B 449 -36.04 -12.09 -2.56
CA ARG B 449 -35.46 -13.20 -1.79
C ARG B 449 -34.51 -14.03 -2.64
N LYS B 450 -34.81 -14.27 -3.91
CA LYS B 450 -33.88 -14.99 -4.77
C LYS B 450 -32.60 -14.19 -5.02
N GLU B 451 -32.72 -12.88 -5.20
CA GLU B 451 -31.57 -12.00 -5.42
C GLU B 451 -30.64 -12.02 -4.20
N ILE B 452 -31.27 -11.98 -3.02
CA ILE B 452 -30.50 -12.01 -1.79
C ILE B 452 -29.68 -13.29 -1.68
N SER B 453 -30.33 -14.41 -1.99
CA SER B 453 -29.63 -15.69 -1.95
C SER B 453 -28.53 -15.76 -3.01
N ASP B 454 -28.83 -15.31 -4.22
CA ASP B 454 -27.85 -15.33 -5.30
C ASP B 454 -26.64 -14.49 -4.96
N LEU B 455 -26.84 -13.30 -4.41
CA LEU B 455 -25.75 -12.36 -4.13
C LEU B 455 -24.97 -12.68 -2.87
N TYR B 456 -25.66 -13.15 -1.84
CA TYR B 456 -25.02 -13.25 -0.53
C TYR B 456 -25.07 -14.64 0.09
N GLY B 457 -25.81 -15.58 -0.48
CA GLY B 457 -25.99 -16.83 0.23
C GLY B 457 -25.34 -18.04 -0.41
N GLN B 458 -24.81 -17.90 -1.63
CA GLN B 458 -24.36 -19.08 -2.35
C GLN B 458 -23.22 -19.78 -1.63
N ARG B 459 -22.22 -19.02 -1.21
CA ARG B 459 -21.04 -19.69 -0.67
C ARG B 459 -21.32 -20.24 0.72
N THR B 460 -22.08 -19.45 1.49
CA THR B 460 -22.45 -19.94 2.82
C THR B 460 -23.19 -21.27 2.71
N LYS B 461 -24.17 -21.31 1.81
CA LYS B 461 -24.96 -22.54 1.71
C LYS B 461 -24.12 -23.68 1.14
N GLU B 462 -23.19 -23.35 0.24
CA GLU B 462 -22.36 -24.37 -0.41
C GLU B 462 -21.48 -25.08 0.62
N VAL B 463 -20.96 -24.31 1.56
CA VAL B 463 -20.04 -24.84 2.57
C VAL B 463 -20.80 -25.38 3.77
N TYR B 464 -21.79 -24.63 4.26
CA TYR B 464 -22.57 -25.18 5.37
C TYR B 464 -23.18 -26.54 5.03
N LYS B 465 -23.50 -26.77 3.76
CA LYS B 465 -24.17 -27.97 3.29
C LYS B 465 -23.40 -29.25 3.60
N ASP B 466 -22.08 -29.10 3.69
CA ASP B 466 -21.20 -30.22 3.94
C ASP B 466 -21.29 -30.70 5.38
N PHE B 467 -21.96 -29.91 6.23
CA PHE B 467 -21.93 -30.30 7.65
C PHE B 467 -23.34 -30.49 8.16
N GLY B 468 -23.49 -31.00 9.38
CA GLY B 468 -24.79 -31.40 9.88
C GLY B 468 -25.79 -30.25 9.93
N GLU B 469 -27.05 -30.58 10.11
CA GLU B 469 -28.14 -29.62 10.24
C GLU B 469 -28.23 -29.11 11.68
N GLU B 470 -27.25 -28.31 12.05
CA GLU B 470 -27.21 -27.50 13.23
C GLU B 470 -26.70 -26.11 12.87
N ASP B 471 -27.11 -25.11 13.65
CA ASP B 471 -26.47 -23.81 13.52
C ASP B 471 -25.85 -23.43 14.86
N TYR B 472 -24.75 -22.70 14.80
CA TYR B 472 -24.20 -22.06 15.98
C TYR B 472 -23.99 -20.56 15.70
N ILE B 473 -24.30 -19.76 16.70
CA ILE B 473 -24.00 -18.34 16.70
C ILE B 473 -23.33 -17.92 18.00
N LEU B 474 -22.52 -16.88 17.90
CA LEU B 474 -21.94 -16.20 19.04
C LEU B 474 -22.67 -14.88 19.31
N SER B 475 -23.06 -14.69 20.55
CA SER B 475 -23.66 -13.44 20.98
C SER B 475 -22.58 -12.60 21.66
N ILE B 476 -22.58 -11.32 21.39
CA ILE B 476 -21.58 -10.42 21.96
C ILE B 476 -22.26 -9.16 22.48
N ARG B 477 -22.07 -8.87 23.76
CA ARG B 477 -22.63 -7.66 24.35
C ARG B 477 -21.56 -6.92 25.13
N TYR B 478 -21.47 -5.61 24.89
CA TYR B 478 -20.41 -4.81 25.51
C TYR B 478 -20.90 -3.38 25.69
N SER B 479 -20.14 -2.58 26.44
CA SER B 479 -20.41 -1.15 26.47
C SER B 479 -19.44 -0.39 25.56
N ARG B 480 -19.99 0.46 24.69
CA ARG B 480 -19.18 1.20 23.74
C ARG B 480 -18.28 2.20 24.45
N TYR B 481 -18.61 2.45 25.71
CA TYR B 481 -17.87 3.38 26.55
C TYR B 481 -16.93 2.65 27.48
N ALA B 482 -16.64 1.35 27.28
CA ALA B 482 -15.88 0.66 28.33
C ALA B 482 -14.42 1.10 28.35
N LEU B 483 -13.98 1.74 27.27
CA LEU B 483 -12.62 2.28 27.22
C LEU B 483 -12.64 3.80 27.13
N GLY B 484 -13.65 4.39 27.76
CA GLY B 484 -13.77 5.84 27.88
C GLY B 484 -14.10 6.53 26.57
N GLY B 485 -14.76 5.80 25.67
CA GLY B 485 -15.11 6.30 24.35
C GLY B 485 -14.20 5.75 23.28
N LYS B 486 -13.03 5.27 23.70
CA LYS B 486 -12.03 4.76 22.77
C LYS B 486 -12.51 3.49 22.08
N PRO B 487 -12.15 3.33 20.82
CA PRO B 487 -12.53 2.11 20.11
C PRO B 487 -11.73 0.91 20.61
N PHE B 488 -12.28 -0.27 20.31
CA PHE B 488 -11.57 -1.50 20.65
C PHE B 488 -12.15 -2.62 19.78
N GLN B 489 -11.39 -3.71 19.67
CA GLN B 489 -11.84 -4.85 18.88
C GLN B 489 -11.97 -6.08 19.76
N ILE B 490 -13.10 -6.78 19.66
CA ILE B 490 -13.32 -7.98 20.44
C ILE B 490 -13.05 -9.18 19.52
N ASN B 491 -11.98 -9.94 19.78
CA ASN B 491 -11.69 -11.15 19.01
C ASN B 491 -12.08 -12.39 19.80
N ILE B 492 -12.71 -13.30 19.08
CA ILE B 492 -13.13 -14.57 19.72
C ILE B 492 -12.36 -15.72 19.09
N PHE B 493 -12.03 -16.68 19.94
CA PHE B 493 -11.26 -17.86 19.63
C PHE B 493 -11.90 -19.13 20.20
N PHE B 494 -11.70 -20.23 19.50
CA PHE B 494 -12.08 -21.54 20.03
C PHE B 494 -10.82 -22.38 20.19
N GLY B 495 -10.52 -22.72 21.44
CA GLY B 495 -9.24 -23.36 21.72
C GLY B 495 -8.22 -22.39 22.28
N ASP B 496 -6.98 -22.86 22.40
CA ASP B 496 -5.98 -22.02 23.05
C ASP B 496 -5.59 -20.81 22.22
N VAL B 497 -5.43 -19.70 22.91
CA VAL B 497 -5.07 -18.43 22.27
C VAL B 497 -3.57 -18.25 22.29
N ASP B 498 -2.99 -17.89 21.15
CA ASP B 498 -1.58 -17.53 21.09
C ASP B 498 -1.39 -16.18 21.76
N GLY B 499 -0.57 -16.13 22.81
CA GLY B 499 -0.48 -14.94 23.64
C GLY B 499 0.24 -13.76 23.02
N LYS B 500 0.80 -13.96 21.84
CA LYS B 500 1.47 -12.92 21.06
C LYS B 500 0.79 -12.71 19.70
N ASP B 501 -0.34 -13.37 19.50
CA ASP B 501 -1.02 -13.29 18.20
C ASP B 501 -2.50 -13.60 18.33
N PHE B 502 -3.26 -12.57 18.66
CA PHE B 502 -4.66 -12.67 19.04
C PHE B 502 -5.49 -11.63 18.29
N TYR B 503 -5.20 -11.49 17.00
CA TYR B 503 -5.56 -10.32 16.21
C TYR B 503 -6.52 -10.54 15.06
N ASP B 504 -6.34 -11.62 14.31
CA ASP B 504 -7.00 -11.69 12.99
C ASP B 504 -7.02 -13.12 12.50
N ALA B 505 -7.36 -13.34 11.24
CA ALA B 505 -7.55 -14.70 10.74
C ALA B 505 -6.25 -15.49 10.73
N ARG B 506 -5.10 -14.82 10.81
CA ARG B 506 -3.83 -15.56 10.88
C ARG B 506 -3.52 -15.97 12.31
N SER B 507 -4.35 -15.52 13.25
CA SER B 507 -4.09 -15.83 14.66
C SER B 507 -4.66 -17.21 14.99
N GLN B 508 -3.86 -18.11 15.56
CA GLN B 508 -4.31 -19.46 15.89
C GLN B 508 -5.69 -19.46 16.53
N ASN B 509 -6.63 -20.26 16.01
CA ASN B 509 -7.94 -20.51 16.60
C ASN B 509 -8.90 -19.33 16.55
N PHE B 510 -8.56 -18.30 15.78
CA PHE B 510 -9.45 -17.17 15.62
C PHE B 510 -10.79 -17.58 14.99
N VAL B 511 -11.87 -17.07 15.56
CA VAL B 511 -13.23 -17.35 15.07
C VAL B 511 -13.83 -16.12 14.42
N GLY B 512 -13.65 -14.94 15.03
CA GLY B 512 -14.21 -13.73 14.43
C GLY B 512 -14.07 -12.52 15.32
N SER B 513 -14.44 -11.36 14.78
CA SER B 513 -14.26 -10.11 15.52
C SER B 513 -15.55 -9.27 15.55
N VAL B 514 -15.62 -8.45 16.59
CA VAL B 514 -16.65 -7.45 16.77
C VAL B 514 -15.93 -6.13 17.03
N PHE B 515 -16.23 -5.12 16.22
CA PHE B 515 -15.53 -3.86 16.38
C PHE B 515 -16.40 -2.80 17.05
N ASN B 516 -15.85 -2.24 18.13
CA ASN B 516 -16.53 -1.13 18.77
C ASN B 516 -16.16 0.14 18.04
N PHE B 517 -17.01 0.52 17.09
CA PHE B 517 -16.83 1.77 16.34
C PHE B 517 -17.33 2.93 17.20
N SER B 518 -16.41 3.55 17.93
CA SER B 518 -16.76 4.56 18.91
C SER B 518 -15.52 5.42 19.16
N VAL B 537 -26.39 2.51 28.47
CA VAL B 537 -26.87 1.60 27.43
C VAL B 537 -25.76 0.70 26.93
N LEU B 538 -26.11 -0.52 26.53
CA LEU B 538 -25.09 -1.42 25.98
C LEU B 538 -25.22 -1.54 24.46
N SER B 539 -24.40 -2.40 23.87
CA SER B 539 -24.35 -2.65 22.43
C SER B 539 -24.18 -4.13 22.18
N VAL B 540 -24.85 -4.63 21.14
CA VAL B 540 -24.78 -6.05 20.81
C VAL B 540 -24.36 -6.25 19.36
N SER B 541 -23.81 -7.44 19.18
CA SER B 541 -23.50 -7.97 17.87
C SER B 541 -23.60 -9.49 17.95
N GLN B 542 -23.49 -10.11 16.79
CA GLN B 542 -23.58 -11.55 16.67
C GLN B 542 -22.59 -12.02 15.62
N LEU B 543 -22.03 -13.21 15.80
CA LEU B 543 -21.15 -13.77 14.78
C LEU B 543 -21.66 -15.14 14.39
N PRO B 544 -21.50 -15.49 13.13
CA PRO B 544 -21.70 -16.91 12.76
C PRO B 544 -20.68 -17.74 13.54
N ALA B 545 -21.03 -18.96 13.92
CA ALA B 545 -20.05 -19.80 14.60
C ALA B 545 -20.11 -21.24 14.10
N ARG B 546 -20.98 -21.52 13.14
CA ARG B 546 -21.29 -22.91 12.82
C ARG B 546 -20.06 -23.65 12.33
N LEU B 547 -19.35 -23.05 11.38
CA LEU B 547 -18.21 -23.74 10.78
C LEU B 547 -17.07 -23.85 11.76
N ALA B 548 -16.77 -22.79 12.51
CA ALA B 548 -15.71 -22.83 13.51
C ALA B 548 -16.02 -23.86 14.60
N VAL B 549 -17.27 -24.00 15.03
CA VAL B 549 -17.59 -25.04 16.00
C VAL B 549 -17.35 -26.44 15.44
N HIS B 550 -17.70 -26.65 14.17
CA HIS B 550 -17.47 -27.96 13.57
C HIS B 550 -15.97 -28.27 13.61
N TYR B 551 -15.13 -27.32 13.20
CA TYR B 551 -13.70 -27.65 13.23
C TYR B 551 -13.22 -27.92 14.64
N TYR B 552 -13.66 -27.08 15.59
CA TYR B 552 -13.25 -27.30 16.96
C TYR B 552 -13.63 -28.69 17.46
N LYS B 553 -14.86 -29.10 17.16
CA LYS B 553 -15.38 -30.37 17.68
C LYS B 553 -14.55 -31.52 17.13
N LYS B 554 -14.20 -31.41 15.85
CA LYS B 554 -13.39 -32.48 15.25
C LYS B 554 -12.04 -32.57 15.94
N GLN B 555 -11.55 -31.48 16.54
CA GLN B 555 -10.25 -31.53 17.17
C GLN B 555 -10.35 -31.91 18.65
N ASN B 556 -11.57 -31.91 19.17
CA ASN B 556 -11.70 -32.00 20.63
C ASN B 556 -12.79 -32.99 21.02
N LYS B 557 -12.83 -34.11 20.32
CA LYS B 557 -13.70 -35.24 20.64
C LYS B 557 -15.13 -34.77 20.87
N GLY B 558 -15.56 -33.84 20.00
CA GLY B 558 -16.94 -33.43 19.98
C GLY B 558 -17.32 -32.44 21.05
N GLU B 559 -16.35 -31.99 21.85
CA GLU B 559 -16.67 -31.04 22.91
C GLU B 559 -17.02 -29.67 22.34
N VAL B 560 -18.01 -29.01 22.94
CA VAL B 560 -18.38 -27.65 22.55
C VAL B 560 -17.31 -26.70 23.04
N PRO B 561 -16.81 -25.82 22.18
CA PRO B 561 -15.76 -24.92 22.63
C PRO B 561 -16.28 -23.85 23.57
N THR B 562 -15.48 -23.51 24.57
CA THR B 562 -15.63 -22.28 25.30
C THR B 562 -15.19 -21.10 24.46
N PRO B 563 -16.07 -20.15 24.18
CA PRO B 563 -15.58 -18.99 23.40
C PRO B 563 -14.57 -18.24 24.27
N ARG B 564 -13.36 -18.04 23.75
CA ARG B 564 -12.38 -17.22 24.46
C ARG B 564 -12.29 -15.86 23.78
N TYR B 565 -12.28 -14.78 24.57
CA TYR B 565 -12.21 -13.47 23.92
C TYR B 565 -11.04 -12.65 24.45
N VAL B 566 -10.52 -11.83 23.55
CA VAL B 566 -9.53 -10.81 23.88
C VAL B 566 -10.06 -9.45 23.43
N VAL B 567 -9.99 -8.45 24.31
CA VAL B 567 -10.32 -7.09 23.89
C VAL B 567 -9.03 -6.37 23.51
N VAL B 568 -8.90 -6.01 22.24
CA VAL B 568 -7.65 -5.45 21.74
C VAL B 568 -7.78 -3.94 21.56
N ASN B 569 -6.80 -3.19 22.03
CA ASN B 569 -6.83 -1.73 21.82
C ASN B 569 -6.02 -1.35 20.59
N SER B 570 -5.90 -0.04 20.34
CA SER B 570 -5.24 0.42 19.13
C SER B 570 -3.73 0.21 19.18
N GLN B 571 -3.20 -0.19 20.34
CA GLN B 571 -1.77 -0.46 20.49
C GLN B 571 -1.49 -1.95 20.33
N GLY B 572 -2.55 -2.70 19.97
CA GLY B 572 -2.40 -4.14 19.80
C GLY B 572 -2.27 -4.84 21.13
N LYS B 573 -2.70 -4.20 22.21
CA LYS B 573 -2.58 -4.78 23.54
C LYS B 573 -3.94 -5.20 24.09
N ALA B 574 -3.95 -6.20 24.94
CA ALA B 574 -5.20 -6.76 25.47
C ALA B 574 -5.64 -5.95 26.68
N GLU B 575 -6.88 -5.49 26.67
CA GLU B 575 -7.48 -4.76 27.77
C GLU B 575 -8.17 -5.73 28.71
N ALA B 576 -7.75 -5.71 29.98
CA ALA B 576 -8.21 -6.77 30.88
C ALA B 576 -9.45 -6.38 31.64
N GLU B 577 -9.84 -5.10 31.57
CA GLU B 577 -10.98 -4.67 32.34
C GLU B 577 -12.10 -4.15 31.44
N VAL B 578 -12.15 -4.65 30.22
CA VAL B 578 -13.30 -4.31 29.38
C VAL B 578 -14.28 -5.48 29.41
N LYS B 579 -15.45 -5.28 30.00
CA LYS B 579 -16.38 -6.39 30.10
C LYS B 579 -17.01 -6.74 28.76
N VAL B 580 -16.95 -8.02 28.39
CA VAL B 580 -17.68 -8.51 27.23
C VAL B 580 -18.46 -9.76 27.63
N GLU B 581 -19.75 -9.74 27.33
CA GLU B 581 -20.57 -10.94 27.53
C GLU B 581 -20.64 -11.72 26.23
N VAL B 582 -19.94 -12.85 26.19
CA VAL B 582 -19.92 -13.71 25.01
C VAL B 582 -20.55 -15.06 25.35
N ALA B 583 -21.39 -15.54 24.44
CA ALA B 583 -21.93 -16.88 24.63
C ALA B 583 -22.07 -17.60 23.30
N LEU B 584 -22.00 -18.92 23.34
CA LEU B 584 -22.26 -19.72 22.14
C LEU B 584 -23.67 -20.30 22.25
N HIS B 585 -24.43 -20.28 21.16
CA HIS B 585 -25.77 -20.84 21.13
C HIS B 585 -25.95 -21.76 19.92
N LYS B 586 -26.79 -22.77 20.13
CA LYS B 586 -27.01 -23.81 19.15
C LYS B 586 -28.49 -23.98 18.82
N THR B 587 -28.78 -24.26 17.56
CA THR B 587 -30.12 -24.76 17.24
C THR B 587 -29.98 -25.98 16.35
N GLU B 588 -30.95 -26.89 16.36
CA GLU B 588 -30.96 -27.91 15.30
C GLU B 588 -31.51 -27.28 14.03
N GLY B 589 -31.13 -27.78 12.87
CA GLY B 589 -31.50 -27.11 11.62
C GLY B 589 -30.58 -25.98 11.22
N THR B 590 -30.42 -25.78 9.91
CA THR B 590 -29.58 -24.68 9.44
C THR B 590 -30.38 -23.39 9.42
N PHE B 591 -29.68 -22.26 9.48
CA PHE B 591 -30.37 -20.98 9.60
C PHE B 591 -31.12 -20.65 8.32
N TYR B 592 -30.57 -21.03 7.16
CA TYR B 592 -31.19 -20.61 5.92
C TYR B 592 -32.29 -21.60 5.51
N ASP B 593 -32.70 -22.39 6.49
CA ASP B 593 -33.86 -23.26 6.39
C ASP B 593 -34.85 -22.95 7.52
N ASP B 602 -34.96 -22.38 17.34
CA ASP B 602 -34.88 -22.43 18.80
C ASP B 602 -33.44 -22.42 19.29
N TYR B 603 -32.84 -21.25 19.50
CA TYR B 603 -31.44 -21.28 19.92
C TYR B 603 -31.29 -21.46 21.43
N ARG B 604 -30.39 -22.34 21.83
CA ARG B 604 -30.12 -22.52 23.27
C ARG B 604 -28.66 -22.23 23.57
N ARG B 605 -28.38 -21.63 24.73
CA ARG B 605 -26.99 -21.38 25.09
C ARG B 605 -26.26 -22.67 25.43
N VAL B 606 -25.09 -22.90 24.80
CA VAL B 606 -24.36 -24.14 25.04
C VAL B 606 -22.99 -23.92 25.64
N ALA B 607 -22.54 -22.65 25.68
CA ALA B 607 -21.28 -22.38 26.36
C ALA B 607 -21.17 -20.88 26.67
N ASP B 608 -20.58 -20.61 27.82
CA ASP B 608 -20.29 -19.28 28.33
C ASP B 608 -18.88 -18.85 27.94
N GLY B 609 -18.71 -17.58 27.57
CA GLY B 609 -17.40 -17.13 27.17
C GLY B 609 -16.50 -16.91 28.38
N LYS B 610 -15.20 -16.81 28.13
CA LYS B 610 -14.21 -16.53 29.14
C LYS B 610 -13.13 -15.64 28.52
N ARG B 611 -12.61 -14.68 29.28
CA ARG B 611 -11.50 -13.86 28.77
C ARG B 611 -10.24 -14.71 28.63
N ALA B 612 -9.56 -14.59 27.51
CA ALA B 612 -8.25 -15.24 27.37
C ALA B 612 -7.14 -14.35 27.90
N GLU B 613 -6.15 -14.98 28.54
CA GLU B 613 -4.93 -14.27 28.89
C GLU B 613 -3.97 -14.22 27.72
N VAL B 614 -3.14 -13.18 27.69
CA VAL B 614 -2.12 -13.05 26.65
C VAL B 614 -0.76 -12.89 27.30
N ASP B 615 0.30 -12.79 26.50
CA ASP B 615 1.64 -12.67 27.07
C ASP B 615 1.76 -11.39 27.87
N ASP B 616 2.59 -11.37 28.92
CA ASP B 616 2.69 -10.13 29.69
C ASP B 616 3.04 -8.93 28.83
N ALA B 617 3.87 -9.10 27.79
CA ALA B 617 4.31 -7.92 27.05
C ALA B 617 3.21 -7.36 26.16
N TYR B 618 2.14 -8.13 26.03
CA TYR B 618 1.01 -7.77 25.17
C TYR B 618 -0.22 -7.32 25.98
N ARG B 619 -0.07 -7.20 27.29
CA ARG B 619 -1.11 -6.69 28.16
C ARG B 619 -1.07 -5.18 28.28
N ALA B 620 -2.24 -4.57 28.15
CA ALA B 620 -2.40 -3.12 28.30
C ALA B 620 -2.04 -2.65 29.69
CU CU C . 20.87 -1.84 -14.23
CU CU D . 20.59 -1.11 -10.53
CU CU E . -20.76 7.09 11.67
CU CU F . -20.56 4.55 9.29
O1 PER G . -21.20 5.59 11.20
O2 PER G . -20.31 6.18 10.09
#